data_8Q1A
#
_entry.id   8Q1A
#
_cell.length_a   152.630
_cell.length_b   152.630
_cell.length_c   171.060
_cell.angle_alpha   90.00
_cell.angle_beta   90.00
_cell.angle_gamma   120.00
#
_symmetry.space_group_name_H-M   'H 3'
#
loop_
_entity.id
_entity.type
_entity.pdbx_description
1 polymer 'Carbonic anhydrase 9'
2 non-polymer 'ZINC ION'
3 non-polymer 1,1,3-tris(oxidanylidene)-2-pentyl-1,2-benzothiazole-6-sulfonamide
4 non-polymer GLYCEROL
5 water water
#
_entity_poly.entity_id   1
_entity_poly.type   'polypeptide(L)'
_entity_poly.pdbx_seq_one_letter_code
;GPDQSHWRYGGDPPWPRVSPACAGRFQSPVDIRPQLAAFSPALRPLELLGFQLPPLPELRLRNNGHSVQLTLPPGLEMAL
GPGREYRALQLHLHWGAAGRPGSEHTVEGHRFPAEIHVVHLSTAFARVDEALGRPGGLAVLAAFLEEGPEENSAYEQLLS
RLEEIAEEGSETQVPGLDISALLPSDFSRYFQYEGSLTTPPCAQGVIWTVFQQTVMLSAKQLHTLSDTLWGPGDSRLQLN
FRATQPLNGRVIEASFP
;
_entity_poly.pdbx_strand_id   A,B,C,D
#
loop_
_chem_comp.id
_chem_comp.type
_chem_comp.name
_chem_comp.formula
GOL non-polymer GLYCEROL 'C3 H8 O3'
IO6 non-polymer 1,1,3-tris(oxidanylidene)-2-pentyl-1,2-benzothiazole-6-sulfonamide 'C12 H16 N2 O5 S2'
ZN non-polymer 'ZINC ION' 'Zn 2'
#
# COMPACT_ATOMS: atom_id res chain seq x y z
N TRP A 7 14.35 20.54 -1.95
CA TRP A 7 15.46 21.37 -1.40
C TRP A 7 16.78 20.60 -1.47
N ARG A 8 17.89 21.33 -1.67
CA ARG A 8 19.23 20.76 -1.81
C ARG A 8 20.23 21.57 -0.95
N TYR A 9 21.43 21.01 -0.76
CA TYR A 9 22.53 21.72 -0.13
C TYR A 9 23.34 22.48 -1.20
N GLY A 10 23.00 23.74 -1.46
CA GLY A 10 23.73 24.57 -2.43
C GLY A 10 22.84 25.19 -3.49
N GLY A 11 21.84 24.42 -3.96
CA GLY A 11 20.98 24.83 -5.07
C GLY A 11 19.66 25.45 -4.62
N ASP A 12 18.66 25.38 -5.52
CA ASP A 12 17.31 25.88 -5.26
C ASP A 12 16.41 24.73 -4.76
N PRO A 13 15.21 25.01 -4.19
CA PRO A 13 14.77 26.37 -3.84
C PRO A 13 15.39 26.91 -2.55
N PRO A 14 15.36 28.24 -2.31
CA PRO A 14 15.79 28.81 -1.02
C PRO A 14 14.88 28.30 0.10
N TRP A 15 15.49 28.01 1.25
CA TRP A 15 14.88 27.21 2.31
C TRP A 15 13.70 27.91 2.98
N PRO A 16 13.73 29.25 3.23
CA PRO A 16 12.53 29.99 3.67
C PRO A 16 11.29 29.91 2.76
N ARG A 17 11.48 29.68 1.45
CA ARG A 17 10.38 29.42 0.51
C ARG A 17 9.74 28.07 0.81
N VAL A 18 10.54 27.06 1.20
CA VAL A 18 10.05 25.74 1.57
C VAL A 18 9.37 25.82 2.94
N SER A 19 10.14 26.20 3.99
CA SER A 19 9.58 26.32 5.32
C SER A 19 9.91 27.69 5.92
N PRO A 20 8.86 28.50 6.22
CA PRO A 20 9.05 29.80 6.89
C PRO A 20 9.95 29.73 8.12
N ALA A 21 9.83 28.63 8.89
CA ALA A 21 10.60 28.40 10.09
C ALA A 21 12.12 28.42 9.84
N CYS A 22 12.56 28.17 8.59
CA CYS A 22 13.99 28.17 8.25
C CYS A 22 14.56 29.59 8.27
N ALA A 23 13.72 30.56 8.63
CA ALA A 23 14.11 31.96 8.73
C ALA A 23 13.88 32.46 10.16
N GLY A 24 13.80 31.52 11.12
CA GLY A 24 13.75 31.87 12.53
C GLY A 24 15.08 32.41 13.06
N ARG A 25 15.02 33.12 14.19
CA ARG A 25 16.17 33.80 14.77
C ARG A 25 17.13 32.80 15.41
N PHE A 26 16.59 31.62 15.79
CA PHE A 26 17.23 30.68 16.71
C PHE A 26 17.48 29.32 16.04
N GLN A 27 18.34 29.32 15.03
CA GLN A 27 18.57 28.15 14.21
C GLN A 27 19.81 27.39 14.67
N SER A 28 20.00 26.24 14.04
CA SER A 28 21.15 25.36 14.22
C SER A 28 21.68 24.97 12.84
N PRO A 29 22.94 24.54 12.71
CA PRO A 29 23.90 24.49 13.82
C PRO A 29 24.54 25.83 14.18
N VAL A 30 25.38 25.79 15.22
CA VAL A 30 26.04 26.96 15.77
C VAL A 30 27.51 26.63 15.96
N ASP A 31 28.30 27.71 16.12
CA ASP A 31 29.70 27.62 16.48
C ASP A 31 29.76 27.66 18.00
N ILE A 32 30.28 26.58 18.60
CA ILE A 32 30.45 26.49 20.04
C ILE A 32 31.76 27.20 20.41
N ARG A 33 31.64 28.26 21.21
CA ARG A 33 32.78 28.93 21.79
C ARG A 33 32.83 28.52 23.26
N PRO A 34 33.66 27.52 23.63
CA PRO A 34 33.65 26.99 25.00
C PRO A 34 33.90 28.02 26.10
N GLN A 35 34.57 29.13 25.76
CA GLN A 35 34.89 30.22 26.68
C GLN A 35 33.65 31.00 27.07
N LEU A 36 32.72 31.21 26.12
CA LEU A 36 31.49 31.95 26.36
C LEU A 36 30.40 31.04 26.90
N ALA A 37 30.72 29.75 27.14
CA ALA A 37 29.71 28.79 27.52
C ALA A 37 29.51 28.89 29.02
N ALA A 38 28.27 28.74 29.48
CA ALA A 38 27.98 28.95 30.88
C ALA A 38 28.02 27.60 31.60
N PHE A 39 28.92 27.43 32.56
CA PHE A 39 28.91 26.25 33.41
C PHE A 39 27.56 26.16 34.14
N SER A 40 26.91 24.99 34.07
CA SER A 40 25.58 24.78 34.63
C SER A 40 25.55 23.46 35.39
N PRO A 41 26.00 23.40 36.67
CA PRO A 41 26.04 22.16 37.44
C PRO A 41 24.75 21.34 37.50
N ALA A 42 23.64 21.91 37.04
CA ALA A 42 22.35 21.20 37.00
C ALA A 42 22.35 20.13 35.92
N LEU A 43 23.20 20.33 34.89
CA LEU A 43 23.33 19.43 33.77
C LEU A 43 24.05 18.15 34.19
N ARG A 44 23.29 17.06 34.39
CA ARG A 44 23.87 15.81 34.89
C ARG A 44 24.16 14.86 33.72
N PRO A 45 24.82 13.70 33.96
CA PRO A 45 25.12 12.77 32.86
C PRO A 45 23.83 12.27 32.20
N LEU A 46 23.85 12.25 30.87
CA LEU A 46 22.76 11.71 30.06
C LEU A 46 22.63 10.22 30.35
N GLU A 47 21.39 9.71 30.31
CA GLU A 47 21.11 8.30 30.49
C GLU A 47 20.33 7.74 29.30
N LEU A 48 20.81 6.58 28.82
CA LEU A 48 20.23 5.87 27.70
C LEU A 48 19.75 4.49 28.20
N LEU A 49 18.53 4.10 27.84
CA LEU A 49 18.06 2.75 28.09
C LEU A 49 17.63 2.14 26.76
N GLY A 50 18.06 0.92 26.48
CA GLY A 50 17.48 0.14 25.41
C GLY A 50 18.24 0.29 24.09
N PHE A 51 19.44 0.89 24.17
CA PHE A 51 20.23 1.22 23.00
C PHE A 51 21.04 0.02 22.49
N GLN A 52 21.23 -1.01 23.33
CA GLN A 52 22.03 -2.16 22.95
C GLN A 52 21.12 -3.15 22.22
N LEU A 53 20.93 -2.93 20.91
CA LEU A 53 19.95 -3.72 20.17
C LEU A 53 20.54 -5.07 19.82
N PRO A 54 19.70 -6.15 19.75
CA PRO A 54 20.12 -7.43 19.19
C PRO A 54 20.00 -7.41 17.67
N PRO A 55 20.53 -8.44 16.97
CA PRO A 55 20.56 -8.46 15.50
C PRO A 55 19.20 -8.42 14.82
N LEU A 56 18.19 -9.02 15.44
CA LEU A 56 16.83 -8.98 14.89
C LEU A 56 15.93 -8.35 15.93
N PRO A 57 14.92 -7.52 15.56
CA PRO A 57 14.64 -7.21 14.15
C PRO A 57 15.66 -6.26 13.52
N GLU A 58 15.78 -6.33 12.19
CA GLU A 58 16.67 -5.46 11.43
C GLU A 58 16.13 -4.03 11.35
N LEU A 59 17.04 -3.09 11.08
CA LEU A 59 16.75 -1.65 11.00
C LEU A 59 16.81 -1.24 9.53
N ARG A 60 16.02 -0.23 9.15
CA ARG A 60 16.11 0.29 7.81
C ARG A 60 17.16 1.38 7.76
N LEU A 61 18.13 1.24 6.85
CA LEU A 61 19.14 2.26 6.58
C LEU A 61 18.92 2.79 5.15
N ARG A 62 18.83 4.12 5.04
CA ARG A 62 18.35 4.75 3.82
C ARG A 62 19.29 5.87 3.39
N ASN A 63 19.57 5.89 2.08
CA ASN A 63 20.06 7.06 1.39
C ASN A 63 18.86 7.92 0.97
N ASN A 64 18.65 9.03 1.68
CA ASN A 64 17.49 9.88 1.45
C ASN A 64 17.89 11.07 0.60
N GLY A 65 19.10 11.06 0.05
CA GLY A 65 19.57 12.11 -0.86
C GLY A 65 20.26 13.27 -0.14
N HIS A 66 20.07 13.39 1.18
CA HIS A 66 20.68 14.45 1.98
C HIS A 66 21.63 13.86 3.03
N SER A 67 21.32 12.65 3.51
CA SER A 67 22.14 11.96 4.49
C SER A 67 21.97 10.45 4.34
N VAL A 68 22.64 9.71 5.20
CA VAL A 68 22.34 8.30 5.45
C VAL A 68 21.66 8.24 6.82
N GLN A 69 20.47 7.66 6.85
CA GLN A 69 19.62 7.70 8.03
C GLN A 69 19.26 6.27 8.46
N LEU A 70 19.51 5.97 9.72
CA LEU A 70 19.14 4.70 10.31
C LEU A 70 17.87 4.91 11.11
N THR A 71 16.76 4.28 10.70
CA THR A 71 15.54 4.34 11.49
C THR A 71 15.72 3.46 12.73
N LEU A 72 15.40 4.05 13.89
CA LEU A 72 15.56 3.34 15.15
C LEU A 72 14.23 2.76 15.60
N PRO A 73 14.25 1.61 16.32
CA PRO A 73 13.03 0.98 16.79
C PRO A 73 12.49 1.60 18.07
N PRO A 74 11.27 1.18 18.47
CA PRO A 74 10.73 1.54 19.78
C PRO A 74 11.57 1.00 20.92
N GLY A 75 11.48 1.71 22.04
CA GLY A 75 12.02 1.28 23.31
C GLY A 75 13.42 1.82 23.59
N LEU A 76 13.85 2.84 22.84
CA LEU A 76 15.12 3.52 23.08
C LEU A 76 14.85 4.83 23.82
N GLU A 77 15.13 4.81 25.13
CA GLU A 77 14.74 5.86 26.04
C GLU A 77 15.98 6.68 26.39
N MET A 78 15.83 8.01 26.41
CA MET A 78 16.94 8.89 26.71
C MET A 78 16.45 10.01 27.62
N ALA A 79 17.18 10.25 28.70
CA ALA A 79 16.84 11.28 29.67
C ALA A 79 17.90 12.38 29.66
N LEU A 80 17.47 13.64 29.46
CA LEU A 80 18.39 14.78 29.56
C LEU A 80 18.62 15.14 31.03
N GLY A 81 17.64 14.78 31.86
CA GLY A 81 17.77 14.87 33.29
C GLY A 81 16.51 14.33 33.93
N PRO A 82 16.38 14.38 35.28
CA PRO A 82 15.13 14.01 35.95
C PRO A 82 13.93 14.70 35.29
N GLY A 83 13.01 13.90 34.75
CA GLY A 83 11.79 14.43 34.16
C GLY A 83 11.94 15.01 32.74
N ARG A 84 13.10 14.84 32.08
CA ARG A 84 13.27 15.27 30.69
C ARG A 84 13.53 14.03 29.86
N GLU A 85 12.44 13.31 29.55
CA GLU A 85 12.52 11.98 29.00
C GLU A 85 12.18 12.02 27.52
N TYR A 86 12.93 11.26 26.74
CA TYR A 86 12.80 11.23 25.29
C TYR A 86 12.90 9.78 24.82
N ARG A 87 12.60 9.56 23.53
CA ARG A 87 12.75 8.26 22.90
C ARG A 87 13.31 8.45 21.49
N ALA A 88 14.28 7.61 21.13
CA ALA A 88 15.03 7.77 19.90
C ALA A 88 14.15 7.44 18.72
N LEU A 89 14.21 8.25 17.65
CA LEU A 89 13.54 8.01 16.38
C LEU A 89 14.51 7.50 15.29
N GLN A 90 15.69 8.11 15.19
CA GLN A 90 16.53 7.91 14.02
C GLN A 90 17.91 8.49 14.30
N LEU A 91 18.91 8.04 13.55
CA LEU A 91 20.19 8.73 13.50
C LEU A 91 20.63 8.84 12.05
N HIS A 92 21.55 9.78 11.83
CA HIS A 92 22.06 10.09 10.50
C HIS A 92 23.38 10.83 10.69
N LEU A 93 24.07 11.05 9.56
CA LEU A 93 25.42 11.55 9.61
C LEU A 93 25.53 12.75 8.68
N HIS A 94 26.45 13.66 9.04
CA HIS A 94 26.82 14.77 8.19
C HIS A 94 28.33 14.72 7.97
N TRP A 95 28.76 14.91 6.70
CA TRP A 95 30.15 14.70 6.32
C TRP A 95 30.59 15.64 5.21
N GLY A 96 31.89 15.63 4.95
CA GLY A 96 32.50 16.56 4.00
C GLY A 96 32.81 15.92 2.65
N ALA A 97 34.13 15.84 2.37
CA ALA A 97 34.72 15.33 1.14
C ALA A 97 36.19 15.05 1.42
N ALA A 98 36.95 14.70 0.38
CA ALA A 98 38.38 14.46 0.52
C ALA A 98 39.09 15.76 0.91
N GLY A 99 39.73 15.74 2.09
CA GLY A 99 40.46 16.89 2.60
C GLY A 99 39.56 18.08 3.00
N ARG A 100 38.24 17.87 3.09
CA ARG A 100 37.30 18.91 3.47
C ARG A 100 36.45 18.38 4.63
N PRO A 101 36.41 19.08 5.78
CA PRO A 101 35.61 18.63 6.92
C PRO A 101 34.12 18.95 6.69
N GLY A 102 33.22 18.25 7.39
CA GLY A 102 31.80 18.35 7.06
C GLY A 102 30.85 18.26 8.25
N SER A 103 31.36 18.45 9.49
CA SER A 103 30.50 18.55 10.65
C SER A 103 29.55 19.76 10.50
N GLU A 104 28.46 19.76 11.27
CA GLU A 104 27.47 20.83 11.19
C GLU A 104 27.82 21.90 12.23
N HIS A 105 27.99 21.48 13.47
CA HIS A 105 28.54 22.33 14.53
C HIS A 105 30.04 22.54 14.27
N THR A 106 30.56 23.66 14.76
CA THR A 106 31.99 23.94 14.74
C THR A 106 32.39 24.36 16.15
N VAL A 107 33.67 24.19 16.51
CA VAL A 107 34.17 24.62 17.82
C VAL A 107 35.30 25.64 17.62
N GLU A 108 35.03 26.90 18.03
CA GLU A 108 35.96 28.01 17.83
C GLU A 108 36.37 28.04 16.36
N GLY A 109 35.37 27.88 15.48
CA GLY A 109 35.55 27.98 14.04
C GLY A 109 35.96 26.66 13.40
N HIS A 110 36.40 25.68 14.21
CA HIS A 110 36.94 24.42 13.71
C HIS A 110 35.80 23.47 13.29
N ARG A 111 35.79 23.12 12.01
CA ARG A 111 34.86 22.12 11.50
C ARG A 111 35.54 20.75 11.55
N PHE A 112 34.80 19.74 12.01
CA PHE A 112 35.31 18.39 12.18
C PHE A 112 34.98 17.58 10.94
N PRO A 113 35.67 16.44 10.71
CA PRO A 113 35.43 15.61 9.52
C PRO A 113 33.95 15.27 9.31
N ALA A 114 33.26 14.84 10.38
CA ALA A 114 31.87 14.43 10.26
C ALA A 114 31.14 14.63 11.58
N GLU A 115 29.82 14.37 11.59
CA GLU A 115 28.98 14.51 12.78
C GLU A 115 27.84 13.50 12.71
N ILE A 116 27.55 12.89 13.87
CA ILE A 116 26.39 12.01 14.01
C ILE A 116 25.32 12.74 14.84
N HIS A 117 24.06 12.56 14.40
CA HIS A 117 22.88 13.05 15.09
C HIS A 117 21.99 11.89 15.49
N VAL A 118 21.63 11.80 16.78
CA VAL A 118 20.54 10.93 17.23
C VAL A 118 19.32 11.76 17.60
N VAL A 119 18.28 11.70 16.76
CA VAL A 119 17.07 12.51 16.93
C VAL A 119 16.07 11.76 17.80
N HIS A 120 15.53 12.49 18.80
CA HIS A 120 14.62 11.97 19.82
C HIS A 120 13.37 12.84 19.94
N LEU A 121 12.30 12.21 20.45
CA LEU A 121 10.99 12.83 20.60
C LEU A 121 10.66 12.84 22.09
N SER A 122 10.11 13.95 22.56
CA SER A 122 9.74 14.01 23.97
C SER A 122 8.60 13.02 24.23
N THR A 123 8.65 12.33 25.37
CA THR A 123 7.58 11.41 25.77
C THR A 123 6.23 12.10 25.91
N ALA A 124 6.17 13.43 26.08
CA ALA A 124 4.91 14.16 26.13
C ALA A 124 4.18 14.21 24.78
N PHE A 125 4.84 13.83 23.67
CA PHE A 125 4.22 13.88 22.34
C PHE A 125 4.17 12.51 21.69
N ALA A 126 3.05 12.21 21.02
CA ALA A 126 2.84 10.92 20.39
C ALA A 126 3.54 10.87 19.05
N ARG A 127 3.73 12.01 18.41
CA ARG A 127 4.33 12.03 17.08
C ARG A 127 5.03 13.35 16.83
N VAL A 128 5.91 13.32 15.84
CA VAL A 128 6.83 14.40 15.56
C VAL A 128 6.12 15.70 15.19
N ASP A 129 5.03 15.63 14.42
CA ASP A 129 4.40 16.87 13.94
C ASP A 129 3.70 17.63 15.07
N GLU A 130 3.36 16.95 16.16
CA GLU A 130 2.87 17.59 17.37
C GLU A 130 4.03 18.31 18.10
N ALA A 131 5.24 17.76 17.96
CA ALA A 131 6.39 18.19 18.74
C ALA A 131 7.07 19.39 18.09
N LEU A 132 6.88 19.53 16.78
CA LEU A 132 7.58 20.53 15.99
C LEU A 132 7.21 21.92 16.49
N GLY A 133 8.24 22.71 16.81
CA GLY A 133 8.06 24.07 17.23
C GLY A 133 7.74 24.19 18.73
N ARG A 134 7.54 23.07 19.42
CA ARG A 134 7.17 23.13 20.82
C ARG A 134 8.43 23.05 21.66
N PRO A 135 8.46 23.76 22.81
CA PRO A 135 9.67 23.82 23.64
C PRO A 135 10.06 22.43 24.14
N GLY A 136 11.26 21.98 23.78
CA GLY A 136 11.78 20.69 24.22
C GLY A 136 11.10 19.49 23.56
N GLY A 137 10.35 19.73 22.48
CA GLY A 137 9.58 18.68 21.80
C GLY A 137 10.47 17.60 21.17
N LEU A 138 11.59 18.04 20.56
CA LEU A 138 12.63 17.17 20.03
C LEU A 138 13.96 17.48 20.71
N ALA A 139 14.82 16.46 20.77
CA ALA A 139 16.17 16.61 21.29
C ALA A 139 17.11 15.80 20.41
N VAL A 140 18.24 16.41 20.00
CA VAL A 140 19.26 15.71 19.24
C VAL A 140 20.51 15.53 20.12
N LEU A 141 21.03 14.29 20.20
CA LEU A 141 22.38 14.06 20.68
C LEU A 141 23.31 14.13 19.49
N ALA A 142 24.36 14.97 19.58
CA ALA A 142 25.30 15.16 18.49
C ALA A 142 26.72 14.88 18.95
N ALA A 143 27.52 14.22 18.10
CA ALA A 143 28.92 13.95 18.40
C ALA A 143 29.74 14.16 17.12
N PHE A 144 30.96 14.64 17.29
CA PHE A 144 31.85 14.81 16.15
C PHE A 144 32.59 13.50 15.91
N LEU A 145 32.86 13.21 14.65
CA LEU A 145 33.71 12.10 14.31
C LEU A 145 35.01 12.69 13.78
N GLU A 146 36.13 12.12 14.23
CA GLU A 146 37.46 12.58 13.90
C GLU A 146 38.26 11.41 13.35
N GLU A 147 39.26 11.74 12.51
CA GLU A 147 40.19 10.73 12.04
C GLU A 147 40.99 10.20 13.23
N GLY A 148 41.13 8.86 13.27
CA GLY A 148 41.80 8.14 14.33
C GLY A 148 42.64 6.98 13.78
N PRO A 149 43.56 6.43 14.61
CA PRO A 149 44.48 5.38 14.17
C PRO A 149 43.83 4.00 13.93
N GLU A 150 42.93 3.57 14.85
CA GLU A 150 42.28 2.27 14.74
C GLU A 150 40.96 2.41 13.97
N GLU A 151 40.43 1.26 13.54
CA GLU A 151 39.15 1.16 12.84
C GLU A 151 38.03 1.06 13.87
N ASN A 152 37.03 1.93 13.75
CA ASN A 152 35.88 1.87 14.64
C ASN A 152 34.98 0.74 14.13
N SER A 153 34.70 -0.22 15.01
CA SER A 153 34.04 -1.44 14.60
C SER A 153 32.52 -1.29 14.70
N ALA A 154 32.06 -0.39 15.58
CA ALA A 154 30.65 -0.07 15.66
C ALA A 154 30.24 0.57 14.34
N TYR A 155 31.08 1.51 13.85
CA TYR A 155 30.76 2.23 12.63
C TYR A 155 30.90 1.34 11.39
N GLU A 156 31.79 0.32 11.46
CA GLU A 156 32.10 -0.54 10.31
C GLU A 156 30.84 -1.29 9.89
N GLN A 157 30.01 -1.66 10.88
CA GLN A 157 28.71 -2.31 10.66
C GLN A 157 27.83 -1.53 9.68
N LEU A 158 27.80 -0.21 9.80
CA LEU A 158 26.95 0.63 8.96
C LEU A 158 27.66 1.03 7.67
N LEU A 159 28.96 1.31 7.77
CA LEU A 159 29.72 1.87 6.66
C LEU A 159 29.91 0.80 5.58
N SER A 160 30.03 -0.47 6.00
CA SER A 160 30.18 -1.61 5.09
C SER A 160 28.93 -1.85 4.26
N ARG A 161 27.78 -1.30 4.70
CA ARG A 161 26.51 -1.47 4.01
C ARG A 161 26.20 -0.28 3.10
N LEU A 162 27.03 0.77 3.10
CA LEU A 162 26.77 1.96 2.30
C LEU A 162 26.77 1.68 0.79
N GLU A 163 27.70 0.84 0.28
CA GLU A 163 27.81 0.56 -1.15
C GLU A 163 26.44 0.12 -1.70
N GLU A 164 25.65 -0.59 -0.88
CA GLU A 164 24.32 -1.08 -1.22
C GLU A 164 23.30 0.05 -1.44
N ILE A 165 23.50 1.21 -0.80
CA ILE A 165 22.51 2.28 -0.90
C ILE A 165 23.14 3.48 -1.61
N ALA A 166 24.03 3.20 -2.56
CA ALA A 166 24.73 4.25 -3.26
C ALA A 166 23.73 5.11 -4.04
N GLU A 167 22.71 4.48 -4.63
CA GLU A 167 21.70 5.26 -5.32
C GLU A 167 20.92 6.13 -4.33
N GLU A 168 20.66 7.37 -4.74
CA GLU A 168 19.78 8.27 -4.01
C GLU A 168 18.39 7.65 -3.89
N GLY A 169 17.82 7.69 -2.66
CA GLY A 169 16.47 7.19 -2.42
C GLY A 169 16.41 5.68 -2.15
N SER A 170 17.58 5.02 -2.12
CA SER A 170 17.66 3.60 -1.92
C SER A 170 17.81 3.31 -0.43
N GLU A 171 17.40 2.10 -0.01
CA GLU A 171 17.47 1.66 1.36
C GLU A 171 17.80 0.16 1.42
N THR A 172 18.29 -0.27 2.58
CA THR A 172 18.61 -1.66 2.86
C THR A 172 18.22 -1.94 4.32
N GLN A 173 18.20 -3.22 4.71
CA GLN A 173 17.95 -3.61 6.10
C GLN A 173 19.31 -4.03 6.65
N VAL A 174 19.60 -3.64 7.91
CA VAL A 174 20.87 -3.98 8.53
C VAL A 174 20.58 -4.57 9.91
N PRO A 175 21.41 -5.52 10.41
CA PRO A 175 21.26 -6.02 11.78
C PRO A 175 21.28 -4.91 12.83
N GLY A 176 20.45 -5.06 13.86
CA GLY A 176 20.55 -4.22 15.04
C GLY A 176 21.96 -4.27 15.62
N LEU A 177 22.34 -3.22 16.33
CA LEU A 177 23.65 -3.11 16.97
C LEU A 177 23.52 -2.23 18.20
N ASP A 178 24.60 -2.18 18.98
CA ASP A 178 24.72 -1.22 20.07
C ASP A 178 24.81 0.20 19.50
N ILE A 179 23.67 0.89 19.52
CA ILE A 179 23.56 2.24 19.00
C ILE A 179 24.44 3.17 19.87
N SER A 180 24.49 2.90 21.18
CA SER A 180 25.29 3.70 22.08
C SER A 180 26.78 3.62 21.73
N ALA A 181 27.23 2.57 21.05
CA ALA A 181 28.64 2.46 20.72
C ALA A 181 28.98 3.39 19.57
N LEU A 182 27.98 4.02 18.95
CA LEU A 182 28.24 4.97 17.88
C LEU A 182 28.54 6.35 18.47
N LEU A 183 28.39 6.48 19.79
CA LEU A 183 28.51 7.74 20.51
C LEU A 183 29.74 7.69 21.40
N PRO A 184 30.22 8.85 21.93
CA PRO A 184 31.30 8.85 22.92
C PRO A 184 30.91 8.11 24.19
N SER A 185 31.89 7.66 24.98
CA SER A 185 31.65 6.86 26.17
C SER A 185 31.35 7.72 27.40
N ASP A 186 31.70 9.02 27.31
CA ASP A 186 31.54 10.00 28.38
C ASP A 186 30.22 10.77 28.16
N PHE A 187 29.22 10.46 28.99
CA PHE A 187 27.90 11.07 28.86
C PHE A 187 27.73 12.26 29.81
N SER A 188 28.83 12.76 30.40
CA SER A 188 28.73 13.75 31.47
C SER A 188 29.30 15.11 31.06
N ARG A 189 30.15 15.11 30.03
CA ARG A 189 30.72 16.34 29.50
C ARG A 189 30.08 16.66 28.14
N TYR A 190 29.31 17.75 28.14
CA TYR A 190 28.56 18.14 26.96
C TYR A 190 28.20 19.61 27.03
N PHE A 191 27.98 20.18 25.84
CA PHE A 191 27.32 21.45 25.63
C PHE A 191 25.82 21.19 25.36
N GLN A 192 24.98 22.19 25.67
CA GLN A 192 23.55 22.09 25.46
C GLN A 192 23.04 23.49 25.10
N TYR A 193 22.20 23.59 24.08
CA TYR A 193 21.57 24.86 23.71
C TYR A 193 20.23 24.54 23.03
N GLU A 194 19.38 25.56 22.91
CA GLU A 194 18.11 25.45 22.22
C GLU A 194 18.23 26.03 20.81
N GLY A 195 17.73 25.26 19.86
CA GLY A 195 18.01 25.46 18.45
C GLY A 195 16.88 24.92 17.58
N SER A 196 17.22 24.48 16.38
CA SER A 196 16.25 24.17 15.35
C SER A 196 16.65 22.86 14.68
N LEU A 197 15.76 22.33 13.84
CA LEU A 197 16.14 21.32 12.87
C LEU A 197 17.00 22.00 11.81
N THR A 198 17.97 21.27 11.27
CA THR A 198 18.94 21.87 10.37
C THR A 198 18.53 21.65 8.91
N THR A 199 17.29 21.19 8.69
CA THR A 199 16.71 21.00 7.38
C THR A 199 15.25 21.43 7.47
N PRO A 200 14.61 21.88 6.37
CA PRO A 200 13.17 22.22 6.42
C PRO A 200 12.44 21.06 7.09
N PRO A 201 11.44 21.31 7.97
CA PRO A 201 10.91 22.65 8.22
C PRO A 201 11.72 23.60 9.12
N CYS A 202 12.90 23.18 9.61
CA CYS A 202 13.77 24.02 10.44
C CYS A 202 13.08 24.50 11.71
N ALA A 203 12.21 23.67 12.30
CA ALA A 203 11.44 24.10 13.45
C ALA A 203 12.37 24.30 14.66
N GLN A 204 12.07 25.33 15.45
CA GLN A 204 12.80 25.63 16.68
C GLN A 204 12.16 24.88 17.84
N GLY A 205 12.69 25.07 19.05
CA GLY A 205 12.26 24.31 20.23
C GLY A 205 13.12 23.06 20.46
N VAL A 206 14.18 22.85 19.68
CA VAL A 206 14.98 21.63 19.71
C VAL A 206 16.10 21.79 20.73
N ILE A 207 16.20 20.85 21.68
CA ILE A 207 17.32 20.81 22.58
C ILE A 207 18.46 19.98 21.98
N TRP A 208 19.55 20.70 21.63
CA TRP A 208 20.81 20.12 21.14
C TRP A 208 21.78 19.85 22.29
N THR A 209 22.24 18.61 22.35
CA THR A 209 23.28 18.22 23.29
C THR A 209 24.48 17.75 22.46
N VAL A 210 25.58 18.52 22.54
CA VAL A 210 26.80 18.27 21.79
C VAL A 210 27.89 17.79 22.76
N PHE A 211 28.31 16.53 22.57
CA PHE A 211 29.36 15.91 23.38
C PHE A 211 30.68 16.64 23.17
N GLN A 212 31.42 16.82 24.26
CA GLN A 212 32.78 17.33 24.20
C GLN A 212 33.72 16.25 23.65
N GLN A 213 33.59 15.01 24.13
CA GLN A 213 34.39 13.91 23.64
C GLN A 213 33.97 13.54 22.22
N THR A 214 34.95 13.25 21.36
CA THR A 214 34.71 12.90 19.98
C THR A 214 34.80 11.38 19.79
N VAL A 215 34.33 10.94 18.62
CA VAL A 215 34.38 9.55 18.21
C VAL A 215 35.43 9.45 17.11
N MET A 216 36.23 8.37 17.13
CA MET A 216 37.32 8.22 16.17
C MET A 216 37.01 7.14 15.13
N LEU A 217 37.08 7.54 13.85
CA LEU A 217 37.01 6.62 12.72
C LEU A 217 38.38 6.63 12.06
N SER A 218 38.70 5.55 11.32
CA SER A 218 39.90 5.42 10.50
C SER A 218 39.75 6.31 9.26
N ALA A 219 40.82 6.49 8.50
CA ALA A 219 40.79 7.35 7.33
C ALA A 219 40.00 6.68 6.21
N LYS A 220 40.16 5.35 6.06
CA LYS A 220 39.35 4.57 5.12
C LYS A 220 37.87 4.81 5.45
N GLN A 221 37.48 4.63 6.74
CA GLN A 221 36.09 4.77 7.16
C GLN A 221 35.53 6.12 6.73
N LEU A 222 36.24 7.21 7.05
CA LEU A 222 35.84 8.57 6.67
C LEU A 222 35.70 8.69 5.15
N HIS A 223 36.58 8.01 4.40
CA HIS A 223 36.55 8.01 2.95
C HIS A 223 35.32 7.22 2.44
N THR A 224 35.05 6.06 3.07
CA THR A 224 33.85 5.29 2.74
C THR A 224 32.60 6.17 2.90
N LEU A 225 32.52 6.86 4.05
CA LEU A 225 31.37 7.69 4.38
C LEU A 225 31.14 8.75 3.32
N SER A 226 32.20 9.48 2.92
CA SER A 226 32.06 10.64 2.06
C SER A 226 32.11 10.29 0.57
N ASP A 227 32.47 9.05 0.22
CA ASP A 227 32.77 8.80 -1.18
C ASP A 227 31.91 7.67 -1.76
N THR A 228 30.92 7.16 -1.02
CA THR A 228 30.15 6.01 -1.46
C THR A 228 28.81 6.47 -2.05
N LEU A 229 28.14 7.41 -1.36
CA LEU A 229 26.73 7.72 -1.62
C LEU A 229 26.61 8.85 -2.63
N TRP A 230 25.48 8.82 -3.36
CA TRP A 230 25.14 9.79 -4.40
C TRP A 230 23.87 10.54 -4.00
N GLY A 231 23.86 11.84 -4.32
CA GLY A 231 22.76 12.72 -3.99
C GLY A 231 21.95 13.05 -5.23
N PRO A 232 21.15 14.14 -5.24
CA PRO A 232 20.32 14.50 -6.39
C PRO A 232 21.15 14.80 -7.66
N GLY A 233 20.52 14.62 -8.83
CA GLY A 233 21.20 14.75 -10.10
C GLY A 233 22.35 13.74 -10.24
N ASP A 234 23.43 14.18 -10.89
CA ASP A 234 24.53 13.30 -11.26
C ASP A 234 25.66 13.41 -10.23
N SER A 235 25.45 14.14 -9.11
CA SER A 235 26.52 14.52 -8.21
C SER A 235 26.58 13.64 -6.96
N ARG A 236 27.76 13.64 -6.30
CA ARG A 236 28.03 12.89 -5.08
C ARG A 236 27.35 13.54 -3.88
N LEU A 237 27.01 12.72 -2.88
CA LEU A 237 26.44 13.19 -1.62
C LEU A 237 27.62 13.45 -0.67
N GLN A 238 27.93 14.75 -0.50
CA GLN A 238 29.13 15.26 0.16
C GLN A 238 28.82 16.65 0.68
N LEU A 239 29.55 17.11 1.70
CA LEU A 239 29.36 18.43 2.28
C LEU A 239 27.87 18.64 2.58
N ASN A 240 27.30 17.68 3.33
CA ASN A 240 25.87 17.64 3.58
C ASN A 240 25.62 18.27 4.96
N PHE A 241 26.00 19.55 5.05
CA PHE A 241 25.98 20.31 6.29
C PHE A 241 25.52 21.73 6.01
N ARG A 242 24.72 22.25 6.96
CA ARG A 242 24.21 23.61 6.89
C ARG A 242 25.26 24.57 7.45
N ALA A 243 25.28 25.78 6.85
CA ALA A 243 26.04 26.92 7.33
C ALA A 243 25.73 27.19 8.81
N THR A 244 26.79 27.45 9.57
CA THR A 244 26.67 27.89 10.95
C THR A 244 25.71 29.07 11.04
N GLN A 245 24.98 29.13 12.15
CA GLN A 245 23.96 30.14 12.38
C GLN A 245 24.32 30.95 13.62
N PRO A 246 23.99 32.25 13.62
CA PRO A 246 24.35 33.11 14.75
C PRO A 246 23.50 32.72 15.95
N LEU A 247 24.12 32.78 17.14
CA LEU A 247 23.46 32.47 18.39
C LEU A 247 22.28 33.42 18.66
N ASN A 248 22.44 34.68 18.24
CA ASN A 248 21.41 35.70 18.39
C ASN A 248 21.01 35.86 19.86
N GLY A 249 22.02 35.76 20.73
CA GLY A 249 21.86 36.05 22.15
C GLY A 249 21.61 34.83 23.00
N ARG A 250 21.55 33.65 22.38
CA ARG A 250 21.44 32.42 23.14
C ARG A 250 22.76 32.17 23.84
N VAL A 251 22.69 31.63 25.06
CA VAL A 251 23.85 31.17 25.78
C VAL A 251 23.91 29.64 25.72
N ILE A 252 25.09 29.12 25.34
CA ILE A 252 25.33 27.69 25.35
C ILE A 252 25.79 27.31 26.75
N GLU A 253 25.15 26.29 27.32
CA GLU A 253 25.56 25.79 28.61
C GLU A 253 26.59 24.68 28.39
N ALA A 254 27.43 24.46 29.40
CA ALA A 254 28.37 23.34 29.47
C ALA A 254 28.12 22.62 30.79
N SER A 255 28.25 21.30 30.77
CA SER A 255 27.96 20.49 31.95
C SER A 255 29.19 20.43 32.86
N PHE A 256 30.27 21.11 32.42
CA PHE A 256 31.55 21.07 33.11
C PHE A 256 32.17 22.47 33.16
N PRO A 257 32.99 22.74 34.20
CA PRO A 257 33.72 24.01 34.31
C PRO A 257 34.90 24.15 33.33
N TRP B 7 27.46 -15.52 -0.35
CA TRP B 7 26.81 -16.77 0.11
C TRP B 7 26.79 -17.77 -1.05
N ARG B 8 26.84 -19.08 -0.71
CA ARG B 8 26.70 -20.18 -1.67
C ARG B 8 25.66 -21.16 -1.12
N TYR B 9 25.28 -22.17 -1.91
CA TYR B 9 24.54 -23.31 -1.37
C TYR B 9 25.55 -24.35 -0.89
N GLY B 10 25.60 -24.62 0.42
CA GLY B 10 26.68 -25.39 1.03
C GLY B 10 28.01 -24.63 1.02
N GLY B 11 28.39 -24.07 2.18
CA GLY B 11 29.64 -23.32 2.31
C GLY B 11 29.77 -22.62 3.66
N ASP B 12 29.91 -23.42 4.73
CA ASP B 12 30.09 -22.97 6.11
C ASP B 12 30.95 -21.71 6.16
N PRO B 13 30.59 -20.67 6.95
CA PRO B 13 29.45 -20.71 7.88
C PRO B 13 28.06 -20.73 7.23
N PRO B 14 27.00 -21.17 7.94
CA PRO B 14 25.63 -21.07 7.42
C PRO B 14 25.20 -19.60 7.28
N TRP B 15 23.98 -19.41 6.74
CA TRP B 15 23.49 -18.13 6.27
C TRP B 15 23.29 -17.10 7.38
N PRO B 16 22.68 -17.45 8.55
CA PRO B 16 22.56 -16.50 9.66
C PRO B 16 23.82 -15.67 9.97
N ARG B 17 25.01 -16.28 9.85
CA ARG B 17 26.28 -15.63 10.18
C ARG B 17 26.47 -14.38 9.32
N VAL B 18 26.13 -14.47 8.03
CA VAL B 18 26.35 -13.38 7.09
C VAL B 18 25.06 -12.56 6.91
N SER B 19 23.87 -13.21 6.99
CA SER B 19 22.59 -12.50 6.96
C SER B 19 21.72 -12.97 8.11
N PRO B 20 21.74 -12.29 9.27
CA PRO B 20 20.95 -12.70 10.45
C PRO B 20 19.44 -12.80 10.26
N ALA B 21 18.91 -12.13 9.21
CA ALA B 21 17.51 -12.24 8.83
C ALA B 21 17.13 -13.69 8.48
N CYS B 22 18.13 -14.48 8.07
CA CYS B 22 17.91 -15.85 7.69
C CYS B 22 17.57 -16.69 8.91
N ALA B 23 17.75 -16.11 10.12
CA ALA B 23 17.38 -16.78 11.35
C ALA B 23 16.06 -16.22 11.89
N GLY B 24 15.31 -15.51 11.07
CA GLY B 24 13.97 -15.08 11.42
C GLY B 24 13.01 -16.25 11.68
N ARG B 25 11.88 -15.94 12.33
CA ARG B 25 10.92 -16.97 12.71
C ARG B 25 10.01 -17.41 11.54
N PHE B 26 9.81 -16.55 10.52
CA PHE B 26 8.82 -16.79 9.48
C PHE B 26 9.45 -16.87 8.10
N GLN B 27 10.21 -17.96 7.88
CA GLN B 27 11.05 -18.14 6.70
C GLN B 27 10.38 -19.11 5.73
N SER B 28 10.95 -19.11 4.52
CA SER B 28 10.62 -20.03 3.45
C SER B 28 11.89 -20.76 3.00
N PRO B 29 11.79 -21.90 2.28
CA PRO B 29 10.52 -22.59 2.01
C PRO B 29 10.00 -23.44 3.18
N VAL B 30 8.87 -24.11 2.95
CA VAL B 30 8.24 -24.91 4.01
C VAL B 30 7.72 -26.21 3.39
N ASP B 31 7.38 -27.19 4.26
CA ASP B 31 6.70 -28.41 3.85
C ASP B 31 5.20 -28.15 3.86
N ILE B 32 4.55 -28.41 2.71
CA ILE B 32 3.10 -28.24 2.61
C ILE B 32 2.44 -29.56 2.99
N ARG B 33 1.60 -29.52 4.03
CA ARG B 33 0.87 -30.67 4.50
C ARG B 33 -0.60 -30.35 4.26
N PRO B 34 -1.15 -30.75 3.09
CA PRO B 34 -2.51 -30.39 2.72
C PRO B 34 -3.60 -30.64 3.77
N GLN B 35 -3.47 -31.72 4.57
CA GLN B 35 -4.50 -32.07 5.54
C GLN B 35 -4.56 -31.06 6.68
N LEU B 36 -3.48 -30.26 6.85
CA LEU B 36 -3.40 -29.25 7.91
C LEU B 36 -3.58 -27.84 7.35
N ALA B 37 -3.79 -27.74 6.04
CA ALA B 37 -4.03 -26.46 5.40
C ALA B 37 -5.46 -25.99 5.70
N ALA B 38 -5.61 -24.68 5.85
CA ALA B 38 -6.87 -24.04 6.13
C ALA B 38 -7.55 -23.60 4.83
N PHE B 39 -8.67 -24.25 4.47
CA PHE B 39 -9.48 -23.83 3.35
C PHE B 39 -10.12 -22.47 3.65
N SER B 40 -9.81 -21.43 2.86
CA SER B 40 -10.68 -20.26 2.88
C SER B 40 -11.26 -20.02 1.51
N PRO B 41 -12.61 -20.06 1.40
CA PRO B 41 -13.28 -19.70 0.16
C PRO B 41 -13.09 -18.26 -0.28
N ALA B 42 -12.42 -17.42 0.53
CA ALA B 42 -12.15 -16.04 0.13
C ALA B 42 -11.01 -15.97 -0.89
N LEU B 43 -10.24 -17.05 -1.05
CA LEU B 43 -9.15 -17.11 -2.01
C LEU B 43 -9.71 -17.35 -3.41
N ARG B 44 -9.72 -16.30 -4.23
CA ARG B 44 -10.33 -16.33 -5.57
C ARG B 44 -9.23 -16.73 -6.57
N PRO B 45 -9.60 -17.17 -7.80
CA PRO B 45 -8.60 -17.51 -8.81
C PRO B 45 -7.61 -16.37 -9.01
N LEU B 46 -6.32 -16.70 -9.19
CA LEU B 46 -5.29 -15.71 -9.50
C LEU B 46 -5.64 -15.07 -10.83
N GLU B 47 -5.36 -13.77 -10.91
CA GLU B 47 -5.52 -13.06 -12.16
C GLU B 47 -4.14 -12.67 -12.67
N LEU B 48 -3.82 -13.12 -13.88
CA LEU B 48 -2.56 -12.81 -14.52
C LEU B 48 -2.84 -12.20 -15.90
N LEU B 49 -2.63 -10.89 -16.03
CA LEU B 49 -2.83 -10.20 -17.31
C LEU B 49 -1.51 -9.63 -17.80
N GLY B 50 -1.33 -9.63 -19.12
CA GLY B 50 -0.18 -9.02 -19.77
C GLY B 50 1.01 -9.98 -19.92
N PHE B 51 0.79 -11.26 -19.63
CA PHE B 51 1.85 -12.27 -19.58
C PHE B 51 2.15 -12.89 -20.96
N GLN B 52 1.24 -12.71 -21.93
CA GLN B 52 1.44 -13.31 -23.26
C GLN B 52 2.36 -12.38 -24.06
N LEU B 53 3.68 -12.54 -23.94
CA LEU B 53 4.60 -11.55 -24.50
C LEU B 53 4.79 -11.80 -26.01
N PRO B 54 4.95 -10.73 -26.82
CA PRO B 54 5.26 -10.87 -28.24
C PRO B 54 6.73 -11.24 -28.38
N PRO B 55 7.19 -11.69 -29.56
CA PRO B 55 8.60 -12.10 -29.74
C PRO B 55 9.63 -11.00 -29.50
N LEU B 56 9.21 -9.74 -29.72
CA LEU B 56 10.06 -8.58 -29.53
C LEU B 56 9.30 -7.58 -28.69
N PRO B 57 9.91 -6.85 -27.72
CA PRO B 57 11.35 -6.93 -27.46
C PRO B 57 11.86 -8.22 -26.80
N GLU B 58 13.17 -8.45 -26.89
CA GLU B 58 13.78 -9.63 -26.31
C GLU B 58 13.98 -9.44 -24.79
N LEU B 59 14.19 -10.55 -24.07
CA LEU B 59 14.27 -10.55 -22.62
C LEU B 59 15.65 -11.06 -22.18
N ARG B 60 16.14 -10.50 -21.07
CA ARG B 60 17.45 -10.88 -20.57
C ARG B 60 17.34 -12.17 -19.75
N LEU B 61 18.11 -13.20 -20.16
CA LEU B 61 18.30 -14.43 -19.39
C LEU B 61 19.73 -14.46 -18.88
N ARG B 62 19.91 -14.59 -17.56
CA ARG B 62 21.23 -14.48 -16.96
C ARG B 62 21.51 -15.70 -16.07
N ASN B 63 22.79 -16.08 -16.00
CA ASN B 63 23.26 -17.04 -15.02
C ASN B 63 23.91 -16.23 -13.90
N ASN B 64 23.21 -16.04 -12.77
CA ASN B 64 23.67 -15.16 -11.71
C ASN B 64 24.54 -15.94 -10.72
N GLY B 65 24.91 -17.18 -11.05
CA GLY B 65 25.65 -18.04 -10.15
C GLY B 65 24.79 -18.87 -9.20
N HIS B 66 23.54 -18.45 -8.95
CA HIS B 66 22.64 -19.06 -7.98
C HIS B 66 21.41 -19.70 -8.65
N SER B 67 21.01 -19.16 -9.82
CA SER B 67 19.92 -19.66 -10.64
C SER B 67 20.09 -19.13 -12.06
N VAL B 68 19.19 -19.53 -12.98
CA VAL B 68 18.98 -18.81 -14.24
C VAL B 68 17.78 -17.90 -14.04
N GLN B 69 17.91 -16.65 -14.49
CA GLN B 69 16.93 -15.62 -14.24
C GLN B 69 16.51 -14.94 -15.53
N LEU B 70 15.19 -14.87 -15.72
CA LEU B 70 14.59 -14.16 -16.83
C LEU B 70 14.00 -12.86 -16.33
N THR B 71 14.56 -11.74 -16.80
CA THR B 71 14.03 -10.42 -16.48
C THR B 71 12.73 -10.21 -17.24
N LEU B 72 11.71 -9.72 -16.55
CA LEU B 72 10.41 -9.55 -17.17
C LEU B 72 10.17 -8.06 -17.42
N PRO B 73 9.51 -7.68 -18.53
CA PRO B 73 9.26 -6.28 -18.83
C PRO B 73 8.06 -5.74 -18.04
N PRO B 74 7.80 -4.41 -18.13
CA PRO B 74 6.58 -3.83 -17.57
C PRO B 74 5.33 -4.46 -18.16
N GLY B 75 4.24 -4.42 -17.40
CA GLY B 75 2.91 -4.70 -17.95
C GLY B 75 2.39 -6.07 -17.56
N LEU B 76 3.20 -6.88 -16.86
CA LEU B 76 2.72 -8.16 -16.34
C LEU B 76 2.02 -7.92 -15.00
N GLU B 77 0.69 -7.86 -15.03
CA GLU B 77 -0.14 -7.49 -13.90
C GLU B 77 -0.75 -8.74 -13.28
N MET B 78 -0.66 -8.82 -11.94
CA MET B 78 -1.13 -9.98 -11.19
C MET B 78 -1.91 -9.51 -9.94
N ALA B 79 -3.07 -10.11 -9.67
CA ALA B 79 -3.81 -9.87 -8.44
C ALA B 79 -4.01 -11.15 -7.65
N LEU B 80 -3.78 -11.05 -6.33
CA LEU B 80 -4.04 -12.10 -5.34
C LEU B 80 -5.47 -11.99 -4.79
N GLY B 81 -6.03 -10.79 -4.82
CA GLY B 81 -7.44 -10.62 -4.58
C GLY B 81 -7.87 -9.21 -4.96
N PRO B 82 -9.10 -8.77 -4.60
CA PRO B 82 -9.61 -7.45 -5.01
C PRO B 82 -8.74 -6.30 -4.50
N GLY B 83 -8.15 -5.55 -5.45
CA GLY B 83 -7.24 -4.46 -5.15
C GLY B 83 -5.92 -4.89 -4.48
N ARG B 84 -5.57 -6.18 -4.57
CA ARG B 84 -4.27 -6.66 -4.11
C ARG B 84 -3.45 -7.01 -5.35
N GLU B 85 -2.84 -5.99 -5.94
CA GLU B 85 -2.23 -6.09 -7.26
C GLU B 85 -0.71 -5.96 -7.21
N TYR B 86 -0.08 -6.53 -8.24
CA TYR B 86 1.33 -6.85 -8.32
C TYR B 86 1.77 -6.69 -9.78
N ARG B 87 3.07 -6.44 -9.98
CA ARG B 87 3.68 -6.43 -11.30
C ARG B 87 4.87 -7.40 -11.25
N ALA B 88 4.95 -8.32 -12.21
CA ALA B 88 6.02 -9.32 -12.24
C ALA B 88 7.36 -8.65 -12.59
N LEU B 89 8.44 -9.05 -11.89
CA LEU B 89 9.76 -8.46 -12.05
C LEU B 89 10.68 -9.40 -12.82
N GLN B 90 10.66 -10.68 -12.41
CA GLN B 90 11.58 -11.70 -12.93
C GLN B 90 11.02 -13.08 -12.62
N LEU B 91 11.55 -14.11 -13.30
CA LEU B 91 11.36 -15.49 -12.86
C LEU B 91 12.71 -16.18 -12.84
N HIS B 92 12.76 -17.25 -12.05
CA HIS B 92 13.93 -18.09 -12.00
C HIS B 92 13.53 -19.48 -11.49
N LEU B 93 14.52 -20.38 -11.43
CA LEU B 93 14.27 -21.80 -11.26
C LEU B 93 15.15 -22.34 -10.15
N HIS B 94 14.67 -23.40 -9.51
CA HIS B 94 15.42 -24.12 -8.51
C HIS B 94 15.39 -25.59 -8.91
N TRP B 95 16.55 -26.24 -8.88
CA TRP B 95 16.66 -27.60 -9.41
C TRP B 95 17.69 -28.40 -8.63
N GLY B 96 17.72 -29.72 -8.90
CA GLY B 96 18.54 -30.65 -8.15
C GLY B 96 19.84 -30.99 -8.88
N ALA B 97 20.02 -32.30 -9.14
CA ALA B 97 21.17 -32.84 -9.85
C ALA B 97 20.79 -34.21 -10.38
N ALA B 98 21.76 -34.92 -10.98
CA ALA B 98 21.50 -36.21 -11.63
C ALA B 98 20.71 -37.13 -10.69
N GLY B 99 19.43 -37.36 -11.04
CA GLY B 99 18.50 -38.19 -10.28
C GLY B 99 18.28 -37.68 -8.84
N ARG B 100 18.33 -36.36 -8.66
CA ARG B 100 18.16 -35.77 -7.33
C ARG B 100 17.20 -34.59 -7.48
N PRO B 101 16.03 -34.62 -6.81
CA PRO B 101 15.07 -33.49 -6.84
C PRO B 101 15.59 -32.24 -6.13
N GLY B 102 15.22 -31.06 -6.65
CA GLY B 102 15.71 -29.80 -6.12
C GLY B 102 14.64 -28.71 -5.94
N SER B 103 13.37 -29.10 -5.73
CA SER B 103 12.34 -28.12 -5.43
C SER B 103 12.67 -27.52 -4.06
N GLU B 104 12.17 -26.29 -3.79
CA GLU B 104 12.39 -25.64 -2.50
C GLU B 104 11.32 -26.06 -1.50
N HIS B 105 10.05 -25.86 -1.89
CA HIS B 105 8.91 -26.36 -1.13
C HIS B 105 8.80 -27.87 -1.33
N THR B 106 8.22 -28.54 -0.33
CA THR B 106 7.94 -29.96 -0.39
C THR B 106 6.45 -30.17 -0.09
N VAL B 107 5.92 -31.31 -0.52
CA VAL B 107 4.57 -31.72 -0.14
C VAL B 107 4.66 -33.05 0.60
N GLU B 108 4.26 -33.02 1.87
CA GLU B 108 4.37 -34.14 2.79
C GLU B 108 5.74 -34.80 2.69
N GLY B 109 6.79 -33.97 2.70
CA GLY B 109 8.15 -34.48 2.66
C GLY B 109 8.65 -34.76 1.25
N HIS B 110 7.74 -34.79 0.25
CA HIS B 110 8.10 -35.05 -1.14
C HIS B 110 8.75 -33.84 -1.79
N ARG B 111 9.96 -34.02 -2.31
CA ARG B 111 10.67 -32.99 -3.06
C ARG B 111 10.52 -33.27 -4.56
N PHE B 112 10.04 -32.27 -5.32
CA PHE B 112 9.80 -32.40 -6.74
C PHE B 112 11.10 -32.14 -7.51
N PRO B 113 11.22 -32.59 -8.79
CA PRO B 113 12.43 -32.33 -9.57
C PRO B 113 12.92 -30.87 -9.53
N ALA B 114 12.00 -29.91 -9.70
CA ALA B 114 12.39 -28.49 -9.76
C ALA B 114 11.18 -27.61 -9.44
N GLU B 115 11.41 -26.29 -9.39
CA GLU B 115 10.40 -25.33 -8.99
C GLU B 115 10.65 -24.01 -9.71
N ILE B 116 9.57 -23.39 -10.21
CA ILE B 116 9.65 -22.07 -10.83
C ILE B 116 9.13 -21.02 -9.86
N HIS B 117 9.86 -19.89 -9.77
CA HIS B 117 9.46 -18.72 -9.00
C HIS B 117 9.26 -17.53 -9.91
N VAL B 118 8.03 -17.01 -9.92
CA VAL B 118 7.76 -15.73 -10.53
C VAL B 118 7.58 -14.65 -9.45
N VAL B 119 8.51 -13.67 -9.40
CA VAL B 119 8.59 -12.68 -8.32
C VAL B 119 7.94 -11.37 -8.75
N HIS B 120 7.10 -10.82 -7.87
CA HIS B 120 6.28 -9.67 -8.17
C HIS B 120 6.43 -8.62 -7.08
N LEU B 121 6.15 -7.37 -7.44
CA LEU B 121 6.22 -6.23 -6.55
C LEU B 121 4.83 -5.63 -6.41
N SER B 122 4.41 -5.42 -5.16
CA SER B 122 3.16 -4.74 -4.88
C SER B 122 3.14 -3.41 -5.61
N THR B 123 2.00 -3.08 -6.22
CA THR B 123 1.81 -1.76 -6.83
C THR B 123 1.72 -0.65 -5.79
N ALA B 124 1.58 -0.99 -4.49
CA ALA B 124 1.58 0.03 -3.44
C ALA B 124 2.99 0.53 -3.16
N PHE B 125 4.01 -0.14 -3.74
CA PHE B 125 5.41 0.19 -3.58
C PHE B 125 6.06 0.47 -4.94
N ALA B 126 6.78 1.61 -5.02
CA ALA B 126 7.49 2.03 -6.22
C ALA B 126 8.79 1.23 -6.44
N ARG B 127 9.41 0.73 -5.36
CA ARG B 127 10.72 0.13 -5.40
C ARG B 127 10.75 -1.17 -4.59
N VAL B 128 11.57 -2.12 -5.07
CA VAL B 128 11.76 -3.40 -4.43
C VAL B 128 12.31 -3.18 -3.01
N ASP B 129 13.23 -2.23 -2.83
CA ASP B 129 13.92 -2.03 -1.58
C ASP B 129 12.97 -1.47 -0.51
N GLU B 130 11.90 -0.77 -0.91
CA GLU B 130 10.84 -0.34 -0.02
C GLU B 130 9.97 -1.53 0.40
N ALA B 131 9.79 -2.50 -0.51
CA ALA B 131 8.87 -3.61 -0.29
C ALA B 131 9.50 -4.68 0.61
N LEU B 132 10.84 -4.81 0.54
CA LEU B 132 11.60 -5.77 1.35
C LEU B 132 11.28 -5.61 2.83
N GLY B 133 10.78 -6.70 3.44
CA GLY B 133 10.56 -6.73 4.87
C GLY B 133 9.18 -6.20 5.26
N ARG B 134 8.44 -5.67 4.28
CA ARG B 134 7.10 -5.15 4.52
C ARG B 134 6.08 -6.21 4.12
N PRO B 135 4.96 -6.37 4.85
CA PRO B 135 4.01 -7.46 4.57
C PRO B 135 3.27 -7.24 3.24
N GLY B 136 3.32 -8.27 2.40
CA GLY B 136 2.71 -8.23 1.08
C GLY B 136 3.48 -7.38 0.06
N GLY B 137 4.65 -6.85 0.44
CA GLY B 137 5.47 -6.05 -0.44
C GLY B 137 5.83 -6.83 -1.70
N LEU B 138 6.33 -8.06 -1.51
CA LEU B 138 6.65 -8.97 -2.60
C LEU B 138 5.71 -10.20 -2.57
N ALA B 139 5.40 -10.70 -3.76
CA ALA B 139 4.64 -11.92 -3.93
C ALA B 139 5.34 -12.75 -4.99
N VAL B 140 5.53 -14.04 -4.67
CA VAL B 140 6.07 -15.02 -5.58
C VAL B 140 4.98 -16.03 -5.93
N LEU B 141 4.84 -16.37 -7.24
CA LEU B 141 4.08 -17.53 -7.65
C LEU B 141 5.06 -18.67 -7.84
N ALA B 142 4.85 -19.79 -7.11
CA ALA B 142 5.69 -20.97 -7.20
C ALA B 142 4.89 -22.11 -7.82
N ALA B 143 5.55 -22.87 -8.72
CA ALA B 143 5.00 -24.10 -9.27
C ALA B 143 6.05 -25.20 -9.26
N PHE B 144 5.59 -26.44 -9.01
CA PHE B 144 6.47 -27.59 -9.09
C PHE B 144 6.56 -28.09 -10.52
N LEU B 145 7.81 -28.32 -10.95
CA LEU B 145 8.10 -29.02 -12.21
C LEU B 145 8.34 -30.51 -11.91
N GLU B 146 7.63 -31.36 -12.66
CA GLU B 146 7.70 -32.82 -12.56
C GLU B 146 8.13 -33.41 -13.90
N GLU B 147 8.51 -34.69 -13.86
CA GLU B 147 8.82 -35.44 -15.07
C GLU B 147 7.53 -35.97 -15.70
N GLY B 148 7.37 -35.64 -16.98
CA GLY B 148 6.31 -36.17 -17.80
C GLY B 148 6.91 -36.85 -19.02
N PRO B 149 6.05 -37.53 -19.83
CA PRO B 149 6.54 -38.27 -20.99
C PRO B 149 6.98 -37.37 -22.14
N GLU B 150 6.65 -36.06 -22.07
CA GLU B 150 6.69 -35.18 -23.22
C GLU B 150 7.57 -33.96 -23.01
N GLU B 151 8.10 -33.50 -24.14
CA GLU B 151 8.85 -32.27 -24.20
C GLU B 151 7.87 -31.11 -23.98
N ASN B 152 8.21 -30.21 -23.04
CA ASN B 152 7.37 -29.07 -22.72
C ASN B 152 7.83 -27.89 -23.56
N SER B 153 6.90 -27.35 -24.39
CA SER B 153 7.18 -26.32 -25.38
C SER B 153 7.64 -25.02 -24.73
N ALA B 154 6.88 -24.58 -23.70
CA ALA B 154 7.14 -23.33 -23.01
C ALA B 154 8.54 -23.35 -22.40
N TYR B 155 8.92 -24.46 -21.76
CA TYR B 155 10.20 -24.52 -21.07
C TYR B 155 11.36 -24.76 -22.04
N GLU B 156 11.09 -25.30 -23.23
CA GLU B 156 12.14 -25.48 -24.22
C GLU B 156 12.72 -24.13 -24.65
N GLN B 157 11.90 -23.06 -24.68
CA GLN B 157 12.39 -21.76 -25.08
C GLN B 157 13.50 -21.25 -24.16
N LEU B 158 13.50 -21.72 -22.90
CA LEU B 158 14.51 -21.29 -21.94
C LEU B 158 15.64 -22.30 -21.84
N LEU B 159 15.32 -23.60 -21.89
CA LEU B 159 16.29 -24.66 -21.65
C LEU B 159 17.26 -24.77 -22.82
N SER B 160 16.73 -24.63 -24.05
CA SER B 160 17.52 -24.61 -25.27
C SER B 160 18.56 -23.49 -25.25
N ARG B 161 18.36 -22.46 -24.42
CA ARG B 161 19.26 -21.31 -24.43
C ARG B 161 20.25 -21.33 -23.27
N LEU B 162 20.30 -22.41 -22.47
CA LEU B 162 21.17 -22.44 -21.29
C LEU B 162 22.65 -22.69 -21.65
N GLU B 163 22.91 -23.52 -22.68
CA GLU B 163 24.27 -23.77 -23.16
C GLU B 163 24.99 -22.44 -23.42
N GLU B 164 24.24 -21.43 -23.92
CA GLU B 164 24.78 -20.10 -24.17
C GLU B 164 25.22 -19.35 -22.92
N ILE B 165 24.74 -19.75 -21.73
CA ILE B 165 25.02 -18.98 -20.52
C ILE B 165 25.62 -19.90 -19.44
N ALA B 166 26.33 -20.94 -19.87
CA ALA B 166 26.86 -21.93 -18.94
C ALA B 166 27.79 -21.29 -17.91
N GLU B 167 28.56 -20.26 -18.30
CA GLU B 167 29.51 -19.60 -17.41
C GLU B 167 28.75 -18.67 -16.47
N GLU B 168 29.00 -18.82 -15.16
CA GLU B 168 28.52 -17.90 -14.15
C GLU B 168 28.77 -16.46 -14.62
N GLY B 169 27.82 -15.57 -14.37
CA GLY B 169 27.94 -14.18 -14.74
C GLY B 169 27.48 -13.89 -16.17
N SER B 170 27.44 -14.91 -17.03
CA SER B 170 27.12 -14.70 -18.43
C SER B 170 25.61 -14.48 -18.56
N GLU B 171 25.20 -13.99 -19.72
CA GLU B 171 23.81 -13.74 -20.01
C GLU B 171 23.60 -13.75 -21.52
N THR B 172 22.34 -13.85 -21.95
CA THR B 172 21.94 -13.79 -23.34
C THR B 172 20.62 -13.02 -23.43
N GLN B 173 20.13 -12.80 -24.65
CA GLN B 173 18.80 -12.25 -24.88
C GLN B 173 17.96 -13.34 -25.57
N VAL B 174 16.67 -13.41 -25.22
CA VAL B 174 15.78 -14.42 -25.76
C VAL B 174 14.49 -13.74 -26.20
N PRO B 175 13.80 -14.27 -27.23
CA PRO B 175 12.53 -13.69 -27.65
C PRO B 175 11.53 -13.75 -26.52
N GLY B 176 10.64 -12.76 -26.47
CA GLY B 176 9.46 -12.82 -25.63
C GLY B 176 8.72 -14.14 -25.83
N LEU B 177 8.11 -14.64 -24.74
CA LEU B 177 7.31 -15.86 -24.74
C LEU B 177 6.09 -15.66 -23.84
N ASP B 178 5.12 -16.56 -23.97
CA ASP B 178 3.97 -16.60 -23.06
C ASP B 178 4.47 -17.08 -21.69
N ILE B 179 4.62 -16.15 -20.73
CA ILE B 179 5.14 -16.48 -19.41
C ILE B 179 4.12 -17.39 -18.69
N SER B 180 2.84 -17.14 -18.92
CA SER B 180 1.76 -17.88 -18.28
C SER B 180 1.71 -19.35 -18.69
N ALA B 181 2.31 -19.68 -19.86
CA ALA B 181 2.39 -21.06 -20.35
C ALA B 181 3.37 -21.91 -19.53
N LEU B 182 4.21 -21.25 -18.73
CA LEU B 182 5.15 -21.89 -17.83
C LEU B 182 4.46 -22.37 -16.54
N LEU B 183 3.16 -22.06 -16.40
CA LEU B 183 2.45 -22.24 -15.15
C LEU B 183 1.31 -23.24 -15.33
N PRO B 184 0.82 -23.84 -14.21
CA PRO B 184 -0.14 -24.93 -14.25
C PRO B 184 -1.51 -24.52 -14.78
N SER B 185 -2.31 -25.55 -15.03
CA SER B 185 -3.62 -25.46 -15.65
C SER B 185 -4.59 -24.60 -14.84
N ASP B 186 -4.75 -24.89 -13.53
CA ASP B 186 -5.84 -24.34 -12.74
C ASP B 186 -5.35 -23.23 -11.80
N PHE B 187 -5.75 -21.99 -12.09
CA PHE B 187 -5.37 -20.82 -11.32
C PHE B 187 -6.22 -20.64 -10.05
N SER B 188 -7.15 -21.56 -9.78
CA SER B 188 -8.07 -21.45 -8.66
C SER B 188 -7.68 -22.34 -7.47
N ARG B 189 -6.63 -23.14 -7.68
CA ARG B 189 -6.21 -24.20 -6.77
C ARG B 189 -4.75 -23.94 -6.39
N TYR B 190 -4.56 -23.42 -5.17
CA TYR B 190 -3.24 -23.08 -4.68
C TYR B 190 -3.21 -23.07 -3.14
N PHE B 191 -1.97 -23.12 -2.64
CA PHE B 191 -1.66 -22.89 -1.24
C PHE B 191 -1.12 -21.47 -1.12
N GLN B 192 -1.36 -20.82 0.04
CA GLN B 192 -0.81 -19.50 0.28
C GLN B 192 -0.35 -19.33 1.73
N TYR B 193 0.82 -18.67 1.90
CA TYR B 193 1.35 -18.36 3.22
C TYR B 193 2.32 -17.18 3.12
N GLU B 194 2.61 -16.58 4.26
CA GLU B 194 3.61 -15.53 4.37
C GLU B 194 4.92 -16.09 4.93
N GLY B 195 6.02 -15.74 4.25
CA GLY B 195 7.37 -16.16 4.60
C GLY B 195 8.40 -15.20 4.02
N SER B 196 9.53 -15.73 3.53
CA SER B 196 10.72 -14.95 3.22
C SER B 196 11.23 -15.22 1.81
N LEU B 197 12.16 -14.39 1.36
CA LEU B 197 13.08 -14.82 0.31
C LEU B 197 13.82 -16.07 0.80
N THR B 198 14.12 -17.00 -0.12
CA THR B 198 14.79 -18.26 0.21
C THR B 198 16.30 -18.16 0.07
N THR B 199 16.81 -16.96 -0.25
CA THR B 199 18.24 -16.71 -0.23
C THR B 199 18.47 -15.47 0.61
N PRO B 200 19.70 -15.21 1.12
CA PRO B 200 20.07 -13.87 1.62
C PRO B 200 19.56 -12.83 0.63
N PRO B 201 18.95 -11.71 1.07
CA PRO B 201 18.84 -11.38 2.50
C PRO B 201 17.71 -11.96 3.37
N CYS B 202 16.98 -12.97 2.86
CA CYS B 202 15.99 -13.73 3.63
C CYS B 202 14.90 -12.81 4.21
N ALA B 203 14.52 -11.76 3.48
CA ALA B 203 13.59 -10.78 4.02
C ALA B 203 12.22 -11.44 4.19
N GLN B 204 11.51 -11.08 5.26
CA GLN B 204 10.17 -11.60 5.58
C GLN B 204 9.09 -10.69 4.94
N GLY B 205 7.82 -11.08 5.07
CA GLY B 205 6.71 -10.32 4.51
C GLY B 205 6.37 -10.74 3.06
N VAL B 206 7.01 -11.81 2.56
CA VAL B 206 6.79 -12.29 1.20
C VAL B 206 5.57 -13.20 1.20
N ILE B 207 4.58 -12.89 0.33
CA ILE B 207 3.44 -13.77 0.15
C ILE B 207 3.78 -14.80 -0.92
N TRP B 208 3.78 -16.06 -0.47
CA TRP B 208 4.00 -17.23 -1.31
C TRP B 208 2.67 -17.86 -1.67
N THR B 209 2.46 -17.99 -2.99
CA THR B 209 1.37 -18.77 -3.57
C THR B 209 1.95 -19.94 -4.34
N VAL B 210 1.61 -21.15 -3.89
CA VAL B 210 2.14 -22.39 -4.48
C VAL B 210 0.98 -23.12 -5.13
N PHE B 211 1.03 -23.24 -6.46
CA PHE B 211 0.01 -23.95 -7.20
C PHE B 211 -0.05 -25.38 -6.72
N GLN B 212 -1.27 -25.90 -6.67
CA GLN B 212 -1.51 -27.27 -6.28
C GLN B 212 -1.08 -28.23 -7.40
N GLN B 213 -1.30 -27.86 -8.67
CA GLN B 213 -0.94 -28.72 -9.79
C GLN B 213 0.49 -28.41 -10.25
N THR B 214 1.11 -29.43 -10.84
CA THR B 214 2.48 -29.34 -11.33
C THR B 214 2.48 -29.04 -12.84
N VAL B 215 3.66 -28.66 -13.35
CA VAL B 215 3.90 -28.71 -14.78
C VAL B 215 4.88 -29.86 -15.03
N MET B 216 4.80 -30.40 -16.25
CA MET B 216 5.63 -31.52 -16.66
C MET B 216 6.66 -31.08 -17.70
N LEU B 217 7.89 -31.54 -17.50
CA LEU B 217 8.97 -31.53 -18.46
C LEU B 217 9.41 -32.96 -18.72
N SER B 218 10.02 -33.21 -19.89
CA SER B 218 10.68 -34.48 -20.18
C SER B 218 11.88 -34.70 -19.24
N ALA B 219 12.37 -35.94 -19.15
CA ALA B 219 13.61 -36.23 -18.43
C ALA B 219 14.80 -35.49 -19.06
N LYS B 220 14.80 -35.36 -20.40
CA LYS B 220 15.88 -34.68 -21.12
C LYS B 220 15.88 -33.20 -20.69
N GLN B 221 14.69 -32.58 -20.62
CA GLN B 221 14.58 -31.18 -20.24
C GLN B 221 15.08 -30.97 -18.81
N LEU B 222 14.69 -31.84 -17.88
CA LEU B 222 15.14 -31.73 -16.51
C LEU B 222 16.65 -31.97 -16.43
N HIS B 223 17.17 -33.00 -17.11
CA HIS B 223 18.61 -33.22 -17.17
C HIS B 223 19.29 -31.98 -17.77
N THR B 224 18.78 -31.48 -18.89
CA THR B 224 19.30 -30.23 -19.43
C THR B 224 19.39 -29.16 -18.34
N LEU B 225 18.30 -28.96 -17.58
CA LEU B 225 18.22 -27.91 -16.57
C LEU B 225 19.32 -28.04 -15.51
N SER B 226 19.57 -29.28 -15.05
CA SER B 226 20.45 -29.50 -13.91
C SER B 226 21.90 -29.63 -14.32
N ASP B 227 22.19 -29.77 -15.63
CA ASP B 227 23.48 -30.27 -16.05
C ASP B 227 24.23 -29.28 -16.95
N THR B 228 23.66 -28.11 -17.23
CA THR B 228 24.27 -27.21 -18.20
C THR B 228 25.03 -26.05 -17.55
N LEU B 229 24.49 -25.50 -16.45
CA LEU B 229 24.98 -24.25 -15.90
C LEU B 229 26.09 -24.53 -14.88
N TRP B 230 27.05 -23.58 -14.81
CA TRP B 230 28.15 -23.62 -13.86
C TRP B 230 27.97 -22.48 -12.85
N GLY B 231 28.37 -22.75 -11.59
CA GLY B 231 28.20 -21.84 -10.47
C GLY B 231 29.52 -21.17 -10.09
N PRO B 232 29.69 -20.72 -8.82
CA PRO B 232 31.00 -20.25 -8.31
C PRO B 232 32.03 -21.37 -8.14
N GLY B 233 33.28 -21.09 -8.55
CA GLY B 233 34.39 -22.02 -8.42
C GLY B 233 34.38 -23.11 -9.49
N ASP B 234 34.75 -24.33 -9.09
CA ASP B 234 34.73 -25.50 -9.96
C ASP B 234 33.32 -26.08 -10.06
N SER B 235 32.37 -25.50 -9.28
CA SER B 235 31.10 -26.14 -9.00
C SER B 235 30.15 -26.07 -10.19
N ARG B 236 29.27 -27.07 -10.29
CA ARG B 236 28.06 -26.99 -11.10
C ARG B 236 27.00 -26.18 -10.36
N LEU B 237 26.14 -25.49 -11.13
CA LEU B 237 24.95 -24.89 -10.55
C LEU B 237 23.87 -25.96 -10.47
N GLN B 238 23.74 -26.54 -9.27
CA GLN B 238 22.87 -27.67 -9.00
C GLN B 238 22.41 -27.62 -7.54
N LEU B 239 21.29 -28.28 -7.23
CA LEU B 239 20.80 -28.34 -5.85
C LEU B 239 20.76 -26.94 -5.25
N ASN B 240 20.20 -26.00 -6.01
CA ASN B 240 20.16 -24.60 -5.63
C ASN B 240 18.83 -24.33 -4.92
N PHE B 241 18.63 -25.05 -3.81
CA PHE B 241 17.44 -24.91 -2.98
C PHE B 241 17.87 -24.80 -1.52
N ARG B 242 17.00 -24.15 -0.72
CA ARG B 242 17.19 -24.03 0.71
C ARG B 242 16.47 -25.18 1.42
N ALA B 243 17.00 -25.59 2.56
CA ALA B 243 16.29 -26.50 3.44
C ALA B 243 14.95 -25.92 3.89
N THR B 244 14.03 -26.87 4.18
CA THR B 244 12.70 -26.68 4.72
C THR B 244 12.79 -25.90 6.04
N GLN B 245 11.99 -24.84 6.16
CA GLN B 245 11.92 -24.02 7.36
C GLN B 245 10.62 -24.33 8.13
N PRO B 246 10.65 -24.29 9.48
CA PRO B 246 9.44 -24.48 10.31
C PRO B 246 8.40 -23.36 10.19
N LEU B 247 7.11 -23.72 10.20
CA LEU B 247 6.02 -22.75 10.10
C LEU B 247 5.92 -21.81 11.31
N ASN B 248 6.36 -22.28 12.48
CA ASN B 248 6.36 -21.49 13.71
C ASN B 248 4.99 -20.87 13.96
N GLY B 249 3.94 -21.68 13.78
CA GLY B 249 2.58 -21.25 14.07
C GLY B 249 1.80 -20.73 12.86
N ARG B 250 2.48 -20.53 11.73
CA ARG B 250 1.80 -20.11 10.51
C ARG B 250 0.93 -21.26 10.00
N VAL B 251 -0.27 -20.90 9.54
CA VAL B 251 -1.15 -21.86 8.89
C VAL B 251 -1.14 -21.62 7.38
N ILE B 252 -0.80 -22.64 6.61
CA ILE B 252 -0.91 -22.57 5.18
C ILE B 252 -2.39 -22.67 4.84
N GLU B 253 -2.83 -21.73 4.00
CA GLU B 253 -4.17 -21.72 3.49
C GLU B 253 -4.23 -22.42 2.14
N ALA B 254 -5.44 -22.89 1.82
CA ALA B 254 -5.78 -23.50 0.55
C ALA B 254 -7.05 -22.87 0.02
N SER B 255 -7.12 -22.78 -1.31
CA SER B 255 -8.22 -22.15 -2.03
C SER B 255 -9.31 -23.16 -2.43
N PHE B 256 -9.15 -24.43 -2.01
CA PHE B 256 -10.04 -25.51 -2.39
C PHE B 256 -10.29 -26.37 -1.16
N PRO B 257 -11.49 -26.98 -1.01
CA PRO B 257 -11.78 -27.88 0.10
C PRO B 257 -10.95 -29.16 0.00
N TRP C 7 -22.81 14.87 -38.23
CA TRP C 7 -23.81 14.08 -37.46
C TRP C 7 -23.97 14.71 -36.07
N ARG C 8 -25.23 14.77 -35.61
CA ARG C 8 -25.58 15.15 -34.26
C ARG C 8 -26.71 14.23 -33.79
N TYR C 9 -27.01 14.26 -32.47
CA TYR C 9 -28.21 13.64 -31.93
C TYR C 9 -29.40 14.58 -32.19
N GLY C 10 -30.60 14.02 -32.35
CA GLY C 10 -31.83 14.79 -32.50
C GLY C 10 -32.03 15.35 -33.91
N GLY C 11 -32.29 14.45 -34.86
CA GLY C 11 -32.58 14.82 -36.24
C GLY C 11 -31.34 14.82 -37.14
N ASP C 12 -31.59 15.08 -38.43
CA ASP C 12 -30.66 14.96 -39.54
C ASP C 12 -29.31 15.66 -39.27
N PRO C 13 -28.20 15.33 -39.99
CA PRO C 13 -28.19 14.36 -41.10
C PRO C 13 -28.46 12.90 -40.72
N PRO C 14 -29.22 12.11 -41.53
CA PRO C 14 -29.55 10.72 -41.20
C PRO C 14 -28.26 9.90 -41.23
N TRP C 15 -28.07 9.07 -40.20
CA TRP C 15 -26.76 8.52 -39.88
C TRP C 15 -26.17 7.71 -41.04
N PRO C 16 -26.93 6.80 -41.71
CA PRO C 16 -26.45 6.15 -42.93
C PRO C 16 -25.94 7.03 -44.09
N ARG C 17 -26.43 8.29 -44.20
CA ARG C 17 -25.92 9.23 -45.20
C ARG C 17 -24.56 9.79 -44.75
N VAL C 18 -24.32 9.82 -43.43
CA VAL C 18 -23.01 10.14 -42.87
C VAL C 18 -22.10 8.91 -42.97
N SER C 19 -22.63 7.77 -42.50
CA SER C 19 -21.89 6.51 -42.40
C SER C 19 -22.80 5.37 -42.85
N PRO C 20 -22.69 4.85 -44.09
CA PRO C 20 -23.39 3.64 -44.51
C PRO C 20 -23.31 2.46 -43.52
N ALA C 21 -22.20 2.39 -42.75
CA ALA C 21 -22.00 1.36 -41.73
C ALA C 21 -23.10 1.42 -40.66
N CYS C 22 -23.63 2.62 -40.41
CA CYS C 22 -24.70 2.78 -39.43
C CYS C 22 -25.94 1.97 -39.82
N ALA C 23 -26.02 1.51 -41.08
CA ALA C 23 -27.13 0.68 -41.51
C ALA C 23 -26.74 -0.79 -41.65
N GLY C 24 -25.60 -1.21 -41.07
CA GLY C 24 -25.27 -2.62 -40.97
C GLY C 24 -26.29 -3.42 -40.17
N ARG C 25 -26.16 -4.75 -40.19
CA ARG C 25 -27.16 -5.66 -39.65
C ARG C 25 -26.98 -5.86 -38.14
N PHE C 26 -25.80 -5.51 -37.59
CA PHE C 26 -25.44 -5.94 -36.25
C PHE C 26 -24.97 -4.73 -35.45
N GLN C 27 -25.90 -3.81 -35.24
CA GLN C 27 -25.61 -2.53 -34.62
C GLN C 27 -25.97 -2.57 -33.14
N SER C 28 -25.43 -1.56 -32.44
CA SER C 28 -25.65 -1.29 -31.04
C SER C 28 -26.20 0.12 -30.91
N PRO C 29 -27.01 0.45 -29.87
CA PRO C 29 -27.37 -0.48 -28.79
C PRO C 29 -28.57 -1.38 -29.07
N VAL C 30 -28.88 -2.27 -28.12
CA VAL C 30 -29.98 -3.20 -28.25
C VAL C 30 -30.81 -3.18 -26.97
N ASP C 31 -32.01 -3.74 -27.12
CA ASP C 31 -32.90 -3.97 -26.00
C ASP C 31 -32.57 -5.36 -25.47
N ILE C 32 -32.14 -5.41 -24.20
CA ILE C 32 -31.90 -6.68 -23.52
C ILE C 32 -33.23 -7.16 -22.94
N ARG C 33 -33.52 -8.43 -23.19
CA ARG C 33 -34.72 -9.07 -22.68
C ARG C 33 -34.26 -10.32 -21.98
N PRO C 34 -34.01 -10.25 -20.65
CA PRO C 34 -33.36 -11.31 -19.88
C PRO C 34 -33.90 -12.72 -20.06
N GLN C 35 -35.21 -12.87 -20.28
CA GLN C 35 -35.84 -14.17 -20.46
C GLN C 35 -35.39 -14.86 -21.76
N LEU C 36 -34.98 -14.07 -22.76
CA LEU C 36 -34.53 -14.62 -24.03
C LEU C 36 -33.00 -14.77 -24.07
N ALA C 37 -32.28 -14.14 -23.14
CA ALA C 37 -30.83 -14.27 -23.06
C ALA C 37 -30.45 -15.73 -22.84
N ALA C 38 -29.33 -16.15 -23.42
CA ALA C 38 -28.87 -17.52 -23.29
C ALA C 38 -27.85 -17.61 -22.17
N PHE C 39 -28.14 -18.44 -21.16
CA PHE C 39 -27.19 -18.70 -20.10
C PHE C 39 -26.03 -19.50 -20.69
N SER C 40 -24.82 -18.95 -20.54
CA SER C 40 -23.59 -19.55 -21.05
C SER C 40 -22.60 -19.63 -19.90
N PRO C 41 -22.46 -20.80 -19.24
CA PRO C 41 -21.55 -20.97 -18.10
C PRO C 41 -20.07 -20.81 -18.41
N ALA C 42 -19.73 -20.80 -19.71
CA ALA C 42 -18.40 -20.47 -20.17
C ALA C 42 -18.02 -19.02 -19.81
N LEU C 43 -19.00 -18.13 -19.64
CA LEU C 43 -18.69 -16.74 -19.33
C LEU C 43 -18.18 -16.60 -17.88
N ARG C 44 -16.90 -16.21 -17.74
CA ARG C 44 -16.21 -16.18 -16.46
C ARG C 44 -16.23 -14.74 -15.92
N PRO C 45 -15.94 -14.50 -14.63
CA PRO C 45 -15.93 -13.14 -14.11
C PRO C 45 -14.94 -12.25 -14.87
N LEU C 46 -15.32 -11.00 -15.14
CA LEU C 46 -14.44 -10.05 -15.79
C LEU C 46 -13.19 -9.84 -14.90
N GLU C 47 -12.03 -9.63 -15.52
CA GLU C 47 -10.82 -9.34 -14.76
C GLU C 47 -10.34 -7.96 -15.19
N LEU C 48 -10.18 -7.04 -14.24
CA LEU C 48 -9.79 -5.67 -14.48
C LEU C 48 -8.60 -5.33 -13.58
N LEU C 49 -7.39 -5.29 -14.14
CA LEU C 49 -6.21 -4.92 -13.37
C LEU C 49 -5.71 -3.55 -13.83
N GLY C 50 -5.06 -2.82 -12.90
CA GLY C 50 -4.42 -1.55 -13.21
C GLY C 50 -5.36 -0.34 -13.18
N PHE C 51 -6.63 -0.53 -12.77
CA PHE C 51 -7.66 0.49 -12.85
C PHE C 51 -7.61 1.46 -11.66
N GLN C 52 -6.86 1.12 -10.61
CA GLN C 52 -6.78 1.95 -9.42
C GLN C 52 -5.69 2.99 -9.61
N LEU C 53 -6.02 4.10 -10.27
CA LEU C 53 -5.01 5.06 -10.65
C LEU C 53 -4.61 5.92 -9.45
N PRO C 54 -3.32 6.32 -9.36
CA PRO C 54 -2.85 7.27 -8.36
C PRO C 54 -3.24 8.67 -8.81
N PRO C 55 -3.16 9.70 -7.92
CA PRO C 55 -3.57 11.06 -8.28
C PRO C 55 -2.76 11.73 -9.39
N LEU C 56 -1.51 11.25 -9.63
CA LEU C 56 -0.66 11.76 -10.70
C LEU C 56 -0.11 10.58 -11.51
N PRO C 57 -0.05 10.67 -12.86
CA PRO C 57 -0.43 11.88 -13.60
C PRO C 57 -1.93 12.14 -13.67
N GLU C 58 -2.27 13.28 -14.28
CA GLU C 58 -3.65 13.71 -14.41
C GLU C 58 -4.22 13.21 -15.74
N LEU C 59 -5.55 13.21 -15.84
CA LEU C 59 -6.26 12.65 -16.97
C LEU C 59 -7.06 13.76 -17.69
N ARG C 60 -7.07 13.68 -19.03
CA ARG C 60 -7.80 14.62 -19.87
C ARG C 60 -9.29 14.29 -19.77
N LEU C 61 -10.11 15.29 -19.38
CA LEU C 61 -11.57 15.17 -19.50
C LEU C 61 -12.03 16.22 -20.53
N ARG C 62 -12.63 15.75 -21.65
CA ARG C 62 -12.97 16.60 -22.78
C ARG C 62 -14.48 16.56 -22.96
N ASN C 63 -15.08 17.74 -23.19
CA ASN C 63 -16.40 17.85 -23.79
C ASN C 63 -16.22 17.82 -25.31
N ASN C 64 -16.75 16.77 -25.97
CA ASN C 64 -16.53 16.61 -27.40
C ASN C 64 -17.82 16.90 -28.16
N GLY C 65 -18.84 17.41 -27.46
CA GLY C 65 -20.11 17.77 -28.08
C GLY C 65 -21.07 16.59 -28.19
N HIS C 66 -20.53 15.37 -28.09
CA HIS C 66 -21.33 14.15 -28.13
C HIS C 66 -21.40 13.52 -26.72
N SER C 67 -20.32 13.66 -25.93
CA SER C 67 -20.25 13.17 -24.56
C SER C 67 -19.18 13.95 -23.80
N VAL C 68 -19.02 13.63 -22.51
CA VAL C 68 -17.80 13.93 -21.77
C VAL C 68 -16.96 12.65 -21.75
N GLN C 69 -15.66 12.80 -22.06
CA GLN C 69 -14.79 11.68 -22.34
C GLN C 69 -13.52 11.82 -21.52
N LEU C 70 -13.23 10.77 -20.71
CA LEU C 70 -12.03 10.69 -19.93
C LEU C 70 -11.02 9.83 -20.68
N THR C 71 -9.79 10.33 -20.81
CA THR C 71 -8.74 9.54 -21.46
C THR C 71 -8.01 8.71 -20.38
N LEU C 72 -7.85 7.41 -20.65
CA LEU C 72 -7.26 6.51 -19.67
C LEU C 72 -5.80 6.28 -20.05
N PRO C 73 -4.89 6.16 -19.07
CA PRO C 73 -3.48 5.91 -19.35
C PRO C 73 -3.21 4.45 -19.72
N PRO C 74 -2.01 4.14 -20.23
CA PRO C 74 -1.65 2.75 -20.49
C PRO C 74 -1.68 1.99 -19.16
N GLY C 75 -1.95 0.68 -19.25
CA GLY C 75 -1.75 -0.24 -18.14
C GLY C 75 -3.05 -0.64 -17.43
N LEU C 76 -4.20 -0.17 -17.93
CA LEU C 76 -5.48 -0.72 -17.51
C LEU C 76 -5.77 -1.96 -18.36
N GLU C 77 -5.65 -3.15 -17.76
CA GLU C 77 -5.76 -4.40 -18.50
C GLU C 77 -7.07 -5.09 -18.09
N MET C 78 -7.76 -5.67 -19.09
CA MET C 78 -9.06 -6.29 -18.89
C MET C 78 -9.12 -7.63 -19.66
N ALA C 79 -9.74 -8.65 -19.07
CA ALA C 79 -9.83 -9.94 -19.75
C ALA C 79 -11.30 -10.36 -19.80
N LEU C 80 -11.78 -10.75 -20.98
CA LEU C 80 -13.16 -11.23 -21.13
C LEU C 80 -13.21 -12.75 -20.93
N GLY C 81 -12.07 -13.40 -21.11
CA GLY C 81 -11.93 -14.83 -20.98
C GLY C 81 -10.44 -15.16 -21.01
N PRO C 82 -10.06 -16.46 -20.87
CA PRO C 82 -8.65 -16.84 -20.84
C PRO C 82 -7.97 -16.48 -22.16
N GLY C 83 -6.96 -15.60 -22.08
CA GLY C 83 -6.15 -15.21 -23.23
C GLY C 83 -6.75 -14.06 -24.05
N ARG C 84 -8.01 -13.70 -23.75
CA ARG C 84 -8.79 -12.70 -24.46
C ARG C 84 -8.69 -11.36 -23.71
N GLU C 85 -7.60 -10.63 -23.95
CA GLU C 85 -7.27 -9.47 -23.15
C GLU C 85 -7.30 -8.20 -24.00
N TYR C 86 -7.36 -7.08 -23.25
CA TYR C 86 -7.74 -5.76 -23.70
C TYR C 86 -7.04 -4.71 -22.85
N ARG C 87 -6.91 -3.50 -23.37
CA ARG C 87 -6.38 -2.39 -22.60
C ARG C 87 -7.36 -1.23 -22.73
N ALA C 88 -7.64 -0.54 -21.63
CA ALA C 88 -8.68 0.48 -21.65
C ALA C 88 -8.12 1.73 -22.31
N LEU C 89 -8.98 2.42 -23.09
CA LEU C 89 -8.58 3.60 -23.87
C LEU C 89 -9.18 4.87 -23.27
N GLN C 90 -10.50 4.83 -23.04
CA GLN C 90 -11.28 5.98 -22.63
C GLN C 90 -12.60 5.48 -22.06
N LEU C 91 -13.28 6.37 -21.31
CA LEU C 91 -14.66 6.16 -20.95
C LEU C 91 -15.42 7.45 -21.17
N HIS C 92 -16.75 7.30 -21.28
CA HIS C 92 -17.62 8.42 -21.54
C HIS C 92 -19.04 8.01 -21.13
N LEU C 93 -19.94 9.01 -21.06
CA LEU C 93 -21.29 8.80 -20.57
C LEU C 93 -22.31 9.09 -21.67
N HIS C 94 -23.49 8.49 -21.49
CA HIS C 94 -24.73 8.79 -22.21
C HIS C 94 -25.84 9.04 -21.19
N TRP C 95 -26.68 10.04 -21.49
CA TRP C 95 -27.64 10.55 -20.53
C TRP C 95 -28.77 11.30 -21.23
N GLY C 96 -29.81 11.63 -20.45
CA GLY C 96 -31.04 12.19 -20.99
C GLY C 96 -31.13 13.70 -20.75
N ALA C 97 -32.23 14.11 -20.12
CA ALA C 97 -32.51 15.51 -19.83
C ALA C 97 -33.51 15.56 -18.67
N ALA C 98 -33.84 16.77 -18.23
CA ALA C 98 -34.78 16.93 -17.12
C ALA C 98 -36.00 16.04 -17.36
N GLY C 99 -36.16 15.04 -16.48
CA GLY C 99 -37.33 14.19 -16.44
C GLY C 99 -37.34 13.07 -17.49
N ARG C 100 -36.21 12.84 -18.17
CA ARG C 100 -36.18 11.84 -19.23
C ARG C 100 -34.89 11.02 -19.17
N PRO C 101 -34.99 9.67 -19.15
CA PRO C 101 -33.80 8.81 -19.19
C PRO C 101 -33.07 8.83 -20.54
N GLY C 102 -31.79 8.43 -20.53
CA GLY C 102 -30.88 8.65 -21.65
C GLY C 102 -29.85 7.53 -21.81
N SER C 103 -30.14 6.35 -21.25
CA SER C 103 -29.24 5.22 -21.40
C SER C 103 -29.36 4.72 -22.84
N GLU C 104 -28.32 4.03 -23.35
CA GLU C 104 -28.35 3.51 -24.72
C GLU C 104 -29.07 2.17 -24.77
N HIS C 105 -28.56 1.19 -24.02
CA HIS C 105 -29.24 -0.10 -23.91
C HIS C 105 -30.47 0.09 -23.03
N THR C 106 -31.41 -0.84 -23.19
CA THR C 106 -32.66 -0.84 -22.46
C THR C 106 -32.87 -2.29 -22.03
N VAL C 107 -33.67 -2.47 -20.96
CA VAL C 107 -33.97 -3.80 -20.45
C VAL C 107 -35.48 -3.95 -20.41
N GLU C 108 -36.00 -4.89 -21.21
CA GLU C 108 -37.43 -5.09 -21.45
C GLU C 108 -38.09 -3.74 -21.74
N GLY C 109 -37.45 -2.91 -22.58
CA GLY C 109 -37.99 -1.60 -22.90
C GLY C 109 -37.60 -0.49 -21.92
N HIS C 110 -37.15 -0.81 -20.69
CA HIS C 110 -36.82 0.22 -19.73
C HIS C 110 -35.51 0.93 -20.13
N ARG C 111 -35.61 2.24 -20.33
CA ARG C 111 -34.43 3.09 -20.47
C ARG C 111 -34.05 3.63 -19.09
N PHE C 112 -32.76 3.60 -18.76
CA PHE C 112 -32.23 4.01 -17.47
C PHE C 112 -31.73 5.45 -17.56
N PRO C 113 -31.58 6.16 -16.42
CA PRO C 113 -31.14 7.57 -16.44
C PRO C 113 -29.86 7.89 -17.22
N ALA C 114 -28.89 6.97 -17.19
CA ALA C 114 -27.64 7.18 -17.88
C ALA C 114 -26.88 5.84 -18.01
N GLU C 115 -25.77 5.88 -18.74
CA GLU C 115 -25.00 4.68 -19.02
C GLU C 115 -23.55 5.11 -19.14
N ILE C 116 -22.65 4.31 -18.57
CA ILE C 116 -21.21 4.55 -18.72
C ILE C 116 -20.66 3.51 -19.71
N HIS C 117 -19.77 3.95 -20.61
CA HIS C 117 -19.06 3.05 -21.49
C HIS C 117 -17.57 3.18 -21.22
N VAL C 118 -16.89 2.02 -21.04
CA VAL C 118 -15.44 1.95 -20.95
C VAL C 118 -14.92 1.19 -22.16
N VAL C 119 -14.19 1.88 -23.03
CA VAL C 119 -13.86 1.37 -24.36
C VAL C 119 -12.45 0.81 -24.28
N HIS C 120 -12.30 -0.47 -24.70
CA HIS C 120 -11.01 -1.17 -24.71
C HIS C 120 -10.61 -1.61 -26.11
N LEU C 121 -9.28 -1.79 -26.29
CA LEU C 121 -8.65 -2.32 -27.48
C LEU C 121 -8.06 -3.70 -27.20
N SER C 122 -8.36 -4.69 -28.04
CA SER C 122 -7.70 -5.97 -27.99
C SER C 122 -6.18 -5.79 -28.04
N THR C 123 -5.46 -6.47 -27.15
CA THR C 123 -4.00 -6.46 -27.14
C THR C 123 -3.40 -7.23 -28.31
N ALA C 124 -4.21 -7.97 -29.08
CA ALA C 124 -3.76 -8.51 -30.36
C ALA C 124 -3.61 -7.43 -31.45
N PHE C 125 -4.12 -6.21 -31.20
CA PHE C 125 -3.99 -5.09 -32.13
C PHE C 125 -3.16 -3.98 -31.51
N ALA C 126 -2.21 -3.43 -32.25
CA ALA C 126 -1.37 -2.33 -31.77
C ALA C 126 -2.13 -0.99 -31.73
N ARG C 127 -3.10 -0.81 -32.63
CA ARG C 127 -3.77 0.47 -32.84
C ARG C 127 -5.27 0.25 -32.90
N VAL C 128 -6.06 1.25 -32.52
CA VAL C 128 -7.51 1.17 -32.56
C VAL C 128 -7.96 0.94 -34.00
N ASP C 129 -7.25 1.55 -34.98
CA ASP C 129 -7.72 1.57 -36.35
C ASP C 129 -7.52 0.23 -37.06
N GLU C 130 -6.50 -0.54 -36.66
CA GLU C 130 -6.44 -1.94 -37.03
C GLU C 130 -7.66 -2.70 -36.50
N ALA C 131 -8.21 -2.29 -35.35
CA ALA C 131 -9.18 -3.10 -34.62
C ALA C 131 -10.61 -2.84 -35.11
N LEU C 132 -10.88 -1.60 -35.56
CA LEU C 132 -12.18 -1.21 -36.07
C LEU C 132 -12.64 -2.17 -37.15
N GLY C 133 -13.85 -2.73 -37.01
CA GLY C 133 -14.41 -3.64 -37.99
C GLY C 133 -14.01 -5.10 -37.78
N ARG C 134 -12.98 -5.33 -36.96
CA ARG C 134 -12.46 -6.69 -36.76
C ARG C 134 -13.21 -7.30 -35.58
N PRO C 135 -13.62 -8.59 -35.65
CA PRO C 135 -14.35 -9.23 -34.55
C PRO C 135 -13.48 -9.31 -33.30
N GLY C 136 -14.00 -8.75 -32.19
CA GLY C 136 -13.31 -8.75 -30.92
C GLY C 136 -12.27 -7.66 -30.79
N GLY C 137 -12.12 -6.82 -31.82
CA GLY C 137 -11.03 -5.86 -31.85
C GLY C 137 -11.20 -4.82 -30.76
N LEU C 138 -12.46 -4.39 -30.60
CA LEU C 138 -12.86 -3.50 -29.54
C LEU C 138 -13.84 -4.22 -28.63
N ALA C 139 -13.78 -3.90 -27.34
CA ALA C 139 -14.74 -4.36 -26.35
C ALA C 139 -15.12 -3.17 -25.47
N VAL C 140 -16.44 -3.03 -25.23
CA VAL C 140 -16.93 -1.97 -24.37
C VAL C 140 -17.52 -2.61 -23.12
N LEU C 141 -17.24 -2.04 -21.95
CA LEU C 141 -17.93 -2.40 -20.72
C LEU C 141 -18.97 -1.34 -20.47
N ALA C 142 -20.23 -1.78 -20.35
CA ALA C 142 -21.32 -0.84 -20.12
C ALA C 142 -22.01 -1.13 -18.78
N ALA C 143 -22.36 -0.05 -18.06
CA ALA C 143 -23.13 -0.12 -16.83
C ALA C 143 -24.25 0.92 -16.85
N PHE C 144 -25.43 0.57 -16.32
CA PHE C 144 -26.51 1.53 -16.15
C PHE C 144 -26.25 2.42 -14.92
N LEU C 145 -26.56 3.71 -15.03
CA LEU C 145 -26.59 4.62 -13.89
C LEU C 145 -28.05 4.90 -13.55
N GLU C 146 -28.39 4.67 -12.28
CA GLU C 146 -29.74 4.85 -11.72
C GLU C 146 -29.72 5.92 -10.64
N GLU C 147 -30.90 6.39 -10.25
CA GLU C 147 -31.01 7.28 -9.11
C GLU C 147 -30.93 6.46 -7.82
N GLY C 148 -30.21 7.00 -6.85
CA GLY C 148 -30.17 6.43 -5.51
C GLY C 148 -30.10 7.51 -4.44
N PRO C 149 -30.27 7.12 -3.15
CA PRO C 149 -30.34 8.09 -2.05
C PRO C 149 -29.05 8.85 -1.81
N GLU C 150 -27.89 8.26 -2.12
CA GLU C 150 -26.61 8.84 -1.71
C GLU C 150 -25.85 9.47 -2.87
N GLU C 151 -25.03 10.47 -2.52
CA GLU C 151 -24.02 11.01 -3.42
C GLU C 151 -22.93 9.95 -3.63
N ASN C 152 -22.71 9.59 -4.91
CA ASN C 152 -21.67 8.67 -5.34
C ASN C 152 -20.33 9.40 -5.38
N SER C 153 -19.36 8.91 -4.62
CA SER C 153 -18.10 9.61 -4.47
C SER C 153 -17.22 9.46 -5.72
N ALA C 154 -17.31 8.32 -6.42
CA ALA C 154 -16.42 8.06 -7.54
C ALA C 154 -16.85 8.90 -8.74
N TYR C 155 -18.16 8.93 -8.99
CA TYR C 155 -18.73 9.74 -10.04
C TYR C 155 -18.59 11.24 -9.75
N GLU C 156 -18.60 11.62 -8.46
CA GLU C 156 -18.53 13.02 -8.08
C GLU C 156 -17.20 13.62 -8.55
N GLN C 157 -16.12 12.83 -8.55
CA GLN C 157 -14.84 13.30 -9.04
C GLN C 157 -14.90 13.81 -10.49
N LEU C 158 -15.79 13.23 -11.31
CA LEU C 158 -15.98 13.66 -12.69
C LEU C 158 -17.01 14.79 -12.77
N LEU C 159 -18.18 14.59 -12.14
CA LEU C 159 -19.32 15.48 -12.25
C LEU C 159 -18.99 16.89 -11.75
N SER C 160 -18.04 16.99 -10.81
CA SER C 160 -17.69 18.25 -10.18
C SER C 160 -16.73 19.05 -11.06
N ARG C 161 -16.47 18.54 -12.26
CA ARG C 161 -15.51 19.15 -13.17
C ARG C 161 -16.19 19.48 -14.48
N LEU C 162 -17.48 19.14 -14.61
CA LEU C 162 -18.22 19.35 -15.84
C LEU C 162 -18.38 20.85 -16.14
N GLU C 163 -18.47 21.68 -15.10
CA GLU C 163 -18.76 23.10 -15.26
C GLU C 163 -17.56 23.81 -15.91
N GLU C 164 -16.37 23.22 -15.78
CA GLU C 164 -15.15 23.81 -16.32
C GLU C 164 -14.98 23.51 -17.81
N ILE C 165 -15.73 22.53 -18.32
CA ILE C 165 -15.65 22.13 -19.72
C ILE C 165 -17.03 22.23 -20.34
N ALA C 166 -17.82 23.24 -19.94
CA ALA C 166 -19.22 23.33 -20.35
C ALA C 166 -19.33 23.63 -21.85
N GLU C 167 -18.34 24.38 -22.37
CA GLU C 167 -18.26 24.71 -23.79
C GLU C 167 -17.84 23.48 -24.58
N GLU C 168 -18.61 23.17 -25.64
CA GLU C 168 -18.25 22.16 -26.62
C GLU C 168 -16.79 22.37 -27.04
N GLY C 169 -15.99 21.28 -27.01
CA GLY C 169 -14.59 21.30 -27.43
C GLY C 169 -13.61 21.73 -26.33
N SER C 170 -14.09 22.07 -25.13
CA SER C 170 -13.20 22.48 -24.06
C SER C 170 -12.81 21.27 -23.20
N GLU C 171 -11.71 21.40 -22.44
CA GLU C 171 -11.14 20.27 -21.72
C GLU C 171 -10.37 20.71 -20.47
N THR C 172 -10.32 19.79 -19.50
CA THR C 172 -9.65 20.02 -18.23
C THR C 172 -8.80 18.79 -17.90
N GLN C 173 -7.91 18.93 -16.92
CA GLN C 173 -7.12 17.83 -16.40
C GLN C 173 -7.63 17.50 -15.00
N VAL C 174 -7.95 16.22 -14.75
CA VAL C 174 -8.42 15.79 -13.44
C VAL C 174 -7.33 14.98 -12.75
N PRO C 175 -7.32 14.92 -11.40
CA PRO C 175 -6.51 13.93 -10.67
C PRO C 175 -6.90 12.50 -11.06
N GLY C 176 -5.92 11.59 -11.09
CA GLY C 176 -6.19 10.17 -11.23
C GLY C 176 -7.21 9.67 -10.22
N LEU C 177 -8.07 8.75 -10.66
CA LEU C 177 -9.08 8.16 -9.78
C LEU C 177 -9.17 6.65 -9.99
N ASP C 178 -9.93 5.99 -9.11
CA ASP C 178 -10.15 4.56 -9.23
C ASP C 178 -11.23 4.37 -10.28
N ILE C 179 -10.78 3.94 -11.46
CA ILE C 179 -11.71 3.75 -12.56
C ILE C 179 -12.67 2.62 -12.21
N SER C 180 -12.17 1.55 -11.56
CA SER C 180 -13.04 0.42 -11.23
C SER C 180 -14.17 0.82 -10.27
N ALA C 181 -13.95 1.86 -9.45
CA ALA C 181 -14.97 2.32 -8.51
C ALA C 181 -16.21 2.89 -9.20
N LEU C 182 -16.15 3.14 -10.53
CA LEU C 182 -17.28 3.61 -11.31
C LEU C 182 -18.16 2.46 -11.78
N LEU C 183 -17.77 1.22 -11.51
CA LEU C 183 -18.49 0.08 -12.07
C LEU C 183 -19.22 -0.70 -10.96
N PRO C 184 -20.23 -1.52 -11.34
CA PRO C 184 -21.00 -2.31 -10.38
C PRO C 184 -20.19 -3.28 -9.50
N SER C 185 -20.91 -3.82 -8.51
CA SER C 185 -20.36 -4.66 -7.47
C SER C 185 -19.85 -5.98 -8.06
N ASP C 186 -20.67 -6.65 -8.87
CA ASP C 186 -20.46 -8.05 -9.19
C ASP C 186 -20.01 -8.20 -10.66
N PHE C 187 -18.72 -8.56 -10.82
CA PHE C 187 -18.07 -8.69 -12.13
C PHE C 187 -18.37 -10.06 -12.75
N SER C 188 -19.22 -10.87 -12.09
CA SER C 188 -19.51 -12.21 -12.59
C SER C 188 -20.85 -12.24 -13.32
N ARG C 189 -21.60 -11.12 -13.26
CA ARG C 189 -22.98 -11.06 -13.72
C ARG C 189 -23.13 -9.99 -14.79
N TYR C 190 -23.35 -10.44 -16.04
CA TYR C 190 -23.35 -9.52 -17.18
C TYR C 190 -24.03 -10.19 -18.37
N PHE C 191 -24.55 -9.33 -19.25
CA PHE C 191 -24.94 -9.71 -20.61
C PHE C 191 -23.80 -9.44 -21.59
N GLN C 192 -23.71 -10.24 -22.65
CA GLN C 192 -22.72 -10.06 -23.70
C GLN C 192 -23.32 -10.33 -25.08
N TYR C 193 -22.95 -9.51 -26.06
CA TYR C 193 -23.27 -9.73 -27.45
C TYR C 193 -22.23 -8.99 -28.29
N GLU C 194 -22.30 -9.19 -29.61
CA GLU C 194 -21.42 -8.54 -30.55
C GLU C 194 -22.24 -7.54 -31.36
N GLY C 195 -21.77 -6.29 -31.42
CA GLY C 195 -22.51 -5.23 -32.09
C GLY C 195 -21.56 -4.20 -32.68
N SER C 196 -21.81 -2.92 -32.37
CA SER C 196 -21.16 -1.83 -33.08
C SER C 196 -20.83 -0.66 -32.16
N LEU C 197 -20.03 0.29 -32.67
CA LEU C 197 -20.05 1.64 -32.13
C LEU C 197 -21.47 2.21 -32.29
N THR C 198 -21.87 3.03 -31.31
CA THR C 198 -23.24 3.52 -31.25
C THR C 198 -23.27 4.94 -31.80
N THR C 199 -22.11 5.43 -32.28
CA THR C 199 -22.05 6.65 -33.06
C THR C 199 -21.34 6.32 -34.35
N PRO C 200 -21.44 7.17 -35.40
CA PRO C 200 -20.60 7.02 -36.59
C PRO C 200 -19.17 6.97 -36.07
N PRO C 201 -18.27 6.12 -36.64
CA PRO C 201 -18.57 5.33 -37.84
C PRO C 201 -19.34 4.02 -37.76
N CYS C 202 -19.90 3.67 -36.59
CA CYS C 202 -20.81 2.53 -36.44
C CYS C 202 -20.15 1.21 -36.88
N ALA C 203 -18.82 1.12 -36.70
CA ALA C 203 -18.05 -0.08 -37.00
C ALA C 203 -18.57 -1.25 -36.18
N GLN C 204 -18.66 -2.44 -36.79
CA GLN C 204 -19.11 -3.66 -36.13
C GLN C 204 -17.89 -4.44 -35.64
N GLY C 205 -18.15 -5.61 -35.02
CA GLY C 205 -17.14 -6.42 -34.35
C GLY C 205 -16.87 -6.03 -32.87
N VAL C 206 -17.70 -5.12 -32.33
CA VAL C 206 -17.53 -4.63 -30.97
C VAL C 206 -18.18 -5.63 -30.02
N ILE C 207 -17.42 -6.17 -29.07
CA ILE C 207 -17.99 -7.01 -28.03
C ILE C 207 -18.54 -6.11 -26.93
N TRP C 208 -19.87 -6.15 -26.74
CA TRP C 208 -20.56 -5.44 -25.65
C TRP C 208 -20.78 -6.36 -24.44
N THR C 209 -20.32 -5.90 -23.28
CA THR C 209 -20.59 -6.52 -21.99
C THR C 209 -21.39 -5.53 -21.14
N VAL C 210 -22.67 -5.82 -20.92
CA VAL C 210 -23.53 -4.99 -20.06
C VAL C 210 -23.69 -5.69 -18.70
N PHE C 211 -23.21 -5.00 -17.65
CA PHE C 211 -23.39 -5.48 -16.28
C PHE C 211 -24.87 -5.59 -15.97
N GLN C 212 -25.25 -6.69 -15.31
CA GLN C 212 -26.60 -6.89 -14.82
C GLN C 212 -26.92 -5.84 -13.74
N GLN C 213 -25.98 -5.59 -12.83
CA GLN C 213 -26.19 -4.65 -11.74
C GLN C 213 -25.87 -3.21 -12.17
N THR C 214 -26.61 -2.28 -11.57
CA THR C 214 -26.52 -0.87 -11.88
C THR C 214 -25.63 -0.17 -10.85
N VAL C 215 -25.33 1.09 -11.13
CA VAL C 215 -24.63 1.97 -10.23
C VAL C 215 -25.63 3.08 -9.89
N MET C 216 -25.51 3.63 -8.68
CA MET C 216 -26.46 4.63 -8.18
C MET C 216 -25.77 5.98 -7.98
N LEU C 217 -26.39 7.02 -8.58
CA LEU C 217 -26.04 8.42 -8.40
C LEU C 217 -27.21 9.15 -7.72
N SER C 218 -26.91 10.26 -7.06
CA SER C 218 -27.98 11.07 -6.48
C SER C 218 -28.76 11.76 -7.61
N ALA C 219 -29.94 12.27 -7.29
CA ALA C 219 -30.72 13.08 -8.21
C ALA C 219 -29.93 14.33 -8.60
N LYS C 220 -29.31 15.01 -7.61
CA LYS C 220 -28.54 16.21 -7.88
C LYS C 220 -27.45 15.87 -8.90
N GLN C 221 -26.84 14.68 -8.73
CA GLN C 221 -25.70 14.25 -9.53
C GLN C 221 -26.13 14.00 -10.99
N LEU C 222 -27.24 13.29 -11.15
CA LEU C 222 -27.78 13.02 -12.46
C LEU C 222 -28.14 14.33 -13.17
N HIS C 223 -28.85 15.22 -12.47
CA HIS C 223 -29.21 16.54 -12.99
C HIS C 223 -27.94 17.29 -13.45
N THR C 224 -26.89 17.27 -12.62
CA THR C 224 -25.60 17.85 -12.98
C THR C 224 -25.12 17.32 -14.34
N LEU C 225 -25.29 16.01 -14.59
CA LEU C 225 -24.77 15.35 -15.79
C LEU C 225 -25.53 15.84 -17.03
N SER C 226 -26.86 15.95 -16.92
CA SER C 226 -27.70 16.31 -18.06
C SER C 226 -27.78 17.84 -18.28
N ASP C 227 -27.61 18.63 -17.21
CA ASP C 227 -27.93 20.05 -17.22
C ASP C 227 -26.67 20.93 -17.39
N THR C 228 -25.46 20.36 -17.37
CA THR C 228 -24.27 21.19 -17.24
C THR C 228 -23.61 21.51 -18.59
N LEU C 229 -23.75 20.62 -19.59
CA LEU C 229 -22.87 20.65 -20.75
C LEU C 229 -23.63 21.17 -21.98
N TRP C 230 -22.85 21.77 -22.90
CA TRP C 230 -23.37 22.39 -24.12
C TRP C 230 -22.70 21.73 -25.33
N GLY C 231 -23.52 21.35 -26.33
CA GLY C 231 -23.07 20.60 -27.49
C GLY C 231 -22.89 21.47 -28.74
N PRO C 232 -23.18 20.95 -29.96
CA PRO C 232 -23.12 21.74 -31.19
C PRO C 232 -24.24 22.76 -31.24
N GLY C 233 -24.13 23.72 -32.17
CA GLY C 233 -25.01 24.88 -32.21
C GLY C 233 -24.84 25.71 -30.94
N ASP C 234 -25.92 26.38 -30.51
CA ASP C 234 -25.96 27.03 -29.21
C ASP C 234 -26.79 26.14 -28.29
N SER C 235 -26.52 24.83 -28.34
CA SER C 235 -27.47 23.77 -27.97
C SER C 235 -27.02 23.04 -26.70
N ARG C 236 -27.95 22.33 -26.03
CA ARG C 236 -27.63 21.62 -24.80
C ARG C 236 -27.22 20.17 -25.10
N LEU C 237 -26.11 19.73 -24.46
CA LEU C 237 -25.63 18.36 -24.66
C LEU C 237 -26.43 17.42 -23.77
N GLN C 238 -27.46 16.82 -24.39
CA GLN C 238 -28.46 16.03 -23.72
C GLN C 238 -28.99 14.97 -24.67
N LEU C 239 -29.68 13.96 -24.11
CA LEU C 239 -30.30 12.90 -24.89
C LEU C 239 -29.31 12.37 -25.92
N ASN C 240 -28.04 12.18 -25.49
CA ASN C 240 -26.96 11.76 -26.37
C ASN C 240 -26.93 10.23 -26.49
N PHE C 241 -28.04 9.63 -26.96
CA PHE C 241 -28.13 8.17 -27.08
C PHE C 241 -28.69 7.78 -28.45
N ARG C 242 -28.32 6.59 -28.92
CA ARG C 242 -28.87 6.06 -30.15
C ARG C 242 -30.08 5.22 -29.79
N ALA C 243 -31.07 5.16 -30.70
CA ALA C 243 -32.18 4.23 -30.56
C ALA C 243 -31.66 2.81 -30.55
N THR C 244 -32.41 1.91 -29.87
CA THR C 244 -32.06 0.51 -29.85
C THR C 244 -32.26 -0.06 -31.24
N GLN C 245 -31.49 -1.11 -31.54
CA GLN C 245 -31.29 -1.61 -32.88
C GLN C 245 -31.68 -3.08 -32.86
N PRO C 246 -32.20 -3.63 -33.98
CA PRO C 246 -32.64 -5.02 -34.01
C PRO C 246 -31.47 -6.00 -33.92
N LEU C 247 -31.72 -7.13 -33.25
CA LEU C 247 -30.68 -8.12 -33.01
C LEU C 247 -30.34 -8.81 -34.32
N ASN C 248 -31.37 -8.93 -35.19
CA ASN C 248 -31.24 -9.53 -36.51
C ASN C 248 -30.65 -10.93 -36.40
N GLY C 249 -31.14 -11.72 -35.43
CA GLY C 249 -30.76 -13.11 -35.25
C GLY C 249 -29.75 -13.33 -34.10
N ARG C 250 -29.10 -12.24 -33.63
CA ARG C 250 -28.15 -12.30 -32.52
C ARG C 250 -28.86 -12.72 -31.23
N VAL C 251 -28.28 -13.70 -30.54
CA VAL C 251 -28.68 -14.11 -29.20
C VAL C 251 -27.74 -13.43 -28.19
N ILE C 252 -28.33 -12.61 -27.32
CA ILE C 252 -27.65 -12.06 -26.16
C ILE C 252 -27.41 -13.17 -25.15
N GLU C 253 -26.17 -13.29 -24.66
CA GLU C 253 -25.77 -14.32 -23.72
C GLU C 253 -25.74 -13.74 -22.31
N ALA C 254 -25.86 -14.58 -21.27
CA ALA C 254 -25.79 -14.12 -19.90
C ALA C 254 -24.91 -15.06 -19.10
N SER C 255 -24.16 -14.51 -18.13
CA SER C 255 -23.17 -15.23 -17.34
C SER C 255 -23.79 -15.92 -16.10
N PHE C 256 -25.08 -15.70 -15.91
CA PHE C 256 -25.81 -16.12 -14.73
C PHE C 256 -27.12 -16.77 -15.18
N PRO C 257 -27.60 -17.82 -14.48
CA PRO C 257 -28.92 -18.40 -14.75
C PRO C 257 -30.02 -17.47 -14.24
N TRP D 7 -13.57 18.79 5.72
CA TRP D 7 -14.54 17.67 5.66
C TRP D 7 -15.44 17.66 6.91
N ARG D 8 -16.72 17.36 6.71
CA ARG D 8 -17.68 17.15 7.79
C ARG D 8 -18.68 16.07 7.34
N TYR D 9 -19.25 15.33 8.31
CA TYR D 9 -20.39 14.46 8.05
C TYR D 9 -21.63 15.31 7.81
N GLY D 10 -22.64 14.76 7.11
CA GLY D 10 -23.86 15.50 6.81
C GLY D 10 -23.93 15.96 5.35
N GLY D 11 -22.98 16.81 4.95
CA GLY D 11 -22.94 17.34 3.59
C GLY D 11 -21.52 17.63 3.11
N ASP D 12 -21.38 18.73 2.34
CA ASP D 12 -20.15 19.09 1.63
C ASP D 12 -19.12 19.64 2.63
N PRO D 13 -17.79 19.73 2.31
CA PRO D 13 -17.25 19.43 0.98
C PRO D 13 -17.15 17.93 0.65
N PRO D 14 -17.31 17.53 -0.64
CA PRO D 14 -17.13 16.14 -1.05
C PRO D 14 -15.80 15.54 -0.59
N TRP D 15 -15.82 14.22 -0.26
CA TRP D 15 -14.66 13.55 0.32
C TRP D 15 -13.62 13.19 -0.73
N PRO D 16 -13.97 12.89 -2.02
CA PRO D 16 -12.99 12.82 -3.11
C PRO D 16 -12.21 14.09 -3.46
N ARG D 17 -12.71 15.26 -3.03
CA ARG D 17 -12.06 16.56 -3.19
C ARG D 17 -11.03 16.79 -2.08
N VAL D 18 -11.28 16.19 -0.91
CA VAL D 18 -10.32 16.21 0.20
C VAL D 18 -9.25 15.15 -0.08
N SER D 19 -9.69 13.93 -0.44
CA SER D 19 -8.78 12.85 -0.81
C SER D 19 -9.43 11.94 -1.85
N PRO D 20 -8.82 11.80 -3.06
CA PRO D 20 -9.35 10.92 -4.11
C PRO D 20 -9.54 9.47 -3.68
N ALA D 21 -8.82 9.05 -2.62
CA ALA D 21 -8.92 7.71 -2.04
C ALA D 21 -10.30 7.47 -1.40
N CYS D 22 -11.02 8.55 -1.02
CA CYS D 22 -12.40 8.42 -0.53
C CYS D 22 -13.35 8.07 -1.67
N ALA D 23 -12.81 7.81 -2.88
CA ALA D 23 -13.60 7.30 -3.98
C ALA D 23 -13.07 5.97 -4.50
N GLY D 24 -12.23 5.28 -3.71
CA GLY D 24 -11.78 3.96 -4.11
C GLY D 24 -12.91 2.95 -4.10
N ARG D 25 -12.66 1.81 -4.72
CA ARG D 25 -13.65 0.74 -4.86
C ARG D 25 -13.83 -0.03 -3.54
N PHE D 26 -12.78 -0.01 -2.68
CA PHE D 26 -12.70 -0.93 -1.54
C PHE D 26 -12.70 -0.16 -0.23
N GLN D 27 -13.85 0.43 0.14
CA GLN D 27 -13.93 1.36 1.24
C GLN D 27 -14.61 0.70 2.44
N SER D 28 -14.52 1.40 3.57
CA SER D 28 -15.11 1.00 4.84
C SER D 28 -15.95 2.17 5.33
N PRO D 29 -16.96 1.95 6.22
CA PRO D 29 -17.33 0.61 6.72
C PRO D 29 -18.22 -0.16 5.75
N VAL D 30 -18.60 -1.36 6.15
CA VAL D 30 -19.42 -2.22 5.32
C VAL D 30 -20.52 -2.87 6.16
N ASP D 31 -21.48 -3.45 5.43
CA ASP D 31 -22.53 -4.27 6.03
C ASP D 31 -22.04 -5.72 6.04
N ILE D 32 -21.99 -6.30 7.22
CA ILE D 32 -21.54 -7.67 7.37
C ILE D 32 -22.75 -8.59 7.29
N ARG D 33 -22.77 -9.45 6.26
CA ARG D 33 -23.80 -10.46 6.15
C ARG D 33 -23.14 -11.80 6.43
N PRO D 34 -23.32 -12.32 7.68
CA PRO D 34 -22.60 -13.49 8.16
C PRO D 34 -22.76 -14.74 7.29
N GLN D 35 -23.90 -14.88 6.62
CA GLN D 35 -24.07 -16.05 5.76
C GLN D 35 -23.20 -15.94 4.51
N LEU D 36 -22.73 -14.74 4.11
CA LEU D 36 -21.86 -14.63 2.94
C LEU D 36 -20.41 -14.57 3.39
N ALA D 37 -20.16 -14.64 4.71
CA ALA D 37 -18.79 -14.58 5.19
C ALA D 37 -18.13 -15.94 4.97
N ALA D 38 -16.84 -15.97 4.69
CA ALA D 38 -16.14 -17.21 4.45
C ALA D 38 -15.45 -17.64 5.75
N PHE D 39 -15.75 -18.85 6.22
CA PHE D 39 -15.05 -19.36 7.39
C PHE D 39 -13.63 -19.65 6.96
N SER D 40 -12.65 -19.08 7.66
CA SER D 40 -11.26 -19.50 7.49
CA SER D 40 -11.25 -19.36 7.50
C SER D 40 -10.65 -19.84 8.84
N PRO D 41 -10.36 -21.13 9.06
CA PRO D 41 -9.72 -21.56 10.30
C PRO D 41 -8.30 -21.07 10.54
N ALA D 42 -7.72 -20.37 9.57
CA ALA D 42 -6.42 -19.74 9.74
C ALA D 42 -6.49 -18.52 10.65
N LEU D 43 -7.71 -18.01 10.91
CA LEU D 43 -7.94 -16.86 11.78
C LEU D 43 -7.97 -17.29 13.24
N ARG D 44 -6.85 -17.04 13.91
CA ARG D 44 -6.64 -17.43 15.29
C ARG D 44 -7.15 -16.33 16.22
N PRO D 45 -7.27 -16.63 17.52
CA PRO D 45 -7.57 -15.59 18.50
C PRO D 45 -6.53 -14.46 18.40
N LEU D 46 -7.01 -13.22 18.42
CA LEU D 46 -6.17 -12.02 18.52
C LEU D 46 -5.35 -12.04 19.81
N GLU D 47 -4.11 -11.52 19.75
CA GLU D 47 -3.24 -11.46 20.91
C GLU D 47 -2.82 -10.01 21.18
N LEU D 48 -3.04 -9.56 22.41
CA LEU D 48 -2.69 -8.22 22.82
C LEU D 48 -1.61 -8.31 23.87
N LEU D 49 -0.72 -7.32 23.89
CA LEU D 49 0.31 -7.30 24.89
C LEU D 49 0.58 -5.85 25.25
N GLY D 50 0.62 -5.59 26.56
CA GLY D 50 0.92 -4.26 27.06
C GLY D 50 -0.29 -3.32 27.09
N PHE D 51 -1.52 -3.84 26.94
CA PHE D 51 -2.71 -2.99 26.99
C PHE D 51 -3.10 -2.60 28.42
N GLN D 52 -2.61 -3.34 29.44
CA GLN D 52 -2.91 -3.01 30.83
C GLN D 52 -1.91 -1.94 31.28
N LEU D 53 -2.33 -0.69 31.24
CA LEU D 53 -1.46 0.46 31.51
C LEU D 53 -1.48 0.81 33.00
N PRO D 54 -0.34 1.30 33.53
CA PRO D 54 -0.32 1.91 34.85
C PRO D 54 -0.97 3.29 34.72
N PRO D 55 -1.42 3.90 35.83
CA PRO D 55 -2.12 5.18 35.80
C PRO D 55 -1.26 6.34 35.33
N LEU D 56 0.07 6.25 35.54
CA LEU D 56 0.99 7.26 35.03
C LEU D 56 2.04 6.57 34.18
N PRO D 57 2.44 7.15 33.03
CA PRO D 57 1.95 8.47 32.58
C PRO D 57 0.51 8.49 32.04
N GLU D 58 -0.12 9.66 32.17
CA GLU D 58 -1.48 9.88 31.71
C GLU D 58 -1.55 9.89 30.19
N LEU D 59 -2.76 9.75 29.66
CA LEU D 59 -3.05 9.66 28.24
C LEU D 59 -3.80 10.92 27.83
N ARG D 60 -3.72 11.30 26.55
CA ARG D 60 -4.47 12.44 26.08
C ARG D 60 -5.78 12.02 25.43
N LEU D 61 -6.87 12.63 25.90
CA LEU D 61 -8.21 12.42 25.35
C LEU D 61 -8.64 13.72 24.69
N ARG D 62 -9.08 13.63 23.43
CA ARG D 62 -9.29 14.81 22.60
C ARG D 62 -10.65 14.73 21.87
N ASN D 63 -11.41 15.83 21.95
CA ASN D 63 -12.51 16.15 21.06
C ASN D 63 -11.93 16.80 19.82
N ASN D 64 -11.83 16.02 18.73
CA ASN D 64 -11.25 16.49 17.49
C ASN D 64 -12.37 17.01 16.57
N GLY D 65 -13.59 17.17 17.10
CA GLY D 65 -14.68 17.68 16.28
C GLY D 65 -15.42 16.59 15.51
N HIS D 66 -14.75 15.46 15.23
CA HIS D 66 -15.36 14.34 14.48
C HIS D 66 -15.61 13.16 15.40
N SER D 67 -14.77 13.04 16.44
CA SER D 67 -14.81 11.93 17.37
C SER D 67 -14.16 12.36 18.68
N VAL D 68 -14.22 11.47 19.68
CA VAL D 68 -13.37 11.56 20.84
C VAL D 68 -12.30 10.48 20.67
N GLN D 69 -11.04 10.90 20.80
CA GLN D 69 -9.90 10.06 20.51
C GLN D 69 -8.96 10.05 21.71
N LEU D 70 -8.55 8.83 22.12
CA LEU D 70 -7.55 8.59 23.13
C LEU D 70 -6.25 8.17 22.44
N THR D 71 -5.16 8.92 22.70
CA THR D 71 -3.86 8.58 22.15
C THR D 71 -3.17 7.57 23.06
N LEU D 72 -2.70 6.48 22.45
CA LEU D 72 -2.17 5.37 23.22
C LEU D 72 -0.67 5.52 23.26
N PRO D 73 -0.02 5.09 24.35
CA PRO D 73 1.43 5.21 24.47
C PRO D 73 2.18 4.09 23.74
N PRO D 74 3.51 4.18 23.64
CA PRO D 74 4.31 3.07 23.08
C PRO D 74 4.18 1.80 23.94
N GLY D 75 4.35 0.64 23.30
CA GLY D 75 4.41 -0.65 23.98
C GLY D 75 3.13 -1.48 23.89
N LEU D 76 2.11 -1.03 23.14
CA LEU D 76 0.88 -1.80 23.04
C LEU D 76 0.96 -2.61 21.76
N GLU D 77 1.22 -3.90 21.92
CA GLU D 77 1.45 -4.80 20.80
C GLU D 77 0.20 -5.62 20.54
N MET D 78 -0.15 -5.77 19.27
CA MET D 78 -1.31 -6.54 18.86
C MET D 78 -0.87 -7.42 17.69
N ALA D 79 -1.28 -8.69 17.69
CA ALA D 79 -1.00 -9.55 16.57
C ALA D 79 -2.28 -10.17 16.02
N LEU D 80 -2.45 -10.09 14.69
CA LEU D 80 -3.58 -10.73 14.01
C LEU D 80 -3.32 -12.22 13.85
N GLY D 81 -2.05 -12.58 13.98
CA GLY D 81 -1.63 -13.95 13.83
C GLY D 81 -0.11 -13.97 13.92
N PRO D 82 0.49 -15.19 13.92
CA PRO D 82 1.94 -15.35 13.82
C PRO D 82 2.55 -14.53 12.70
N GLY D 83 3.44 -13.61 13.09
CA GLY D 83 4.16 -12.78 12.13
C GLY D 83 3.31 -11.66 11.55
N ARG D 84 2.14 -11.36 12.14
CA ARG D 84 1.28 -10.25 11.72
C ARG D 84 1.14 -9.26 12.90
N GLU D 85 2.20 -8.47 13.11
CA GLU D 85 2.39 -7.70 14.33
C GLU D 85 2.18 -6.20 14.10
N TYR D 86 1.48 -5.58 15.07
CA TYR D 86 1.07 -4.18 15.04
C TYR D 86 1.33 -3.53 16.40
N ARG D 87 1.37 -2.20 16.40
CA ARG D 87 1.48 -1.39 17.60
C ARG D 87 0.32 -0.41 17.60
N ALA D 88 -0.36 -0.26 18.74
CA ALA D 88 -1.58 0.53 18.78
C ALA D 88 -1.18 2.00 18.82
N LEU D 89 -1.98 2.85 18.14
CA LEU D 89 -1.74 4.28 18.05
C LEU D 89 -2.79 5.05 18.85
N GLN D 90 -4.07 4.75 18.60
CA GLN D 90 -5.14 5.53 19.20
C GLN D 90 -6.41 4.69 19.19
N LEU D 91 -7.39 5.12 19.99
CA LEU D 91 -8.75 4.61 19.82
C LEU D 91 -9.72 5.78 19.86
N HIS D 92 -10.87 5.60 19.23
CA HIS D 92 -11.88 6.62 19.20
C HIS D 92 -13.24 5.93 19.04
N LEU D 93 -14.29 6.75 19.08
CA LEU D 93 -15.65 6.27 19.10
C LEU D 93 -16.47 6.93 18.01
N HIS D 94 -17.47 6.17 17.58
CA HIS D 94 -18.52 6.56 16.66
C HIS D 94 -19.85 6.27 17.35
N TRP D 95 -20.80 7.20 17.22
CA TRP D 95 -22.06 7.11 17.95
C TRP D 95 -23.13 7.89 17.22
N GLY D 96 -24.37 7.74 17.70
CA GLY D 96 -25.55 8.31 17.08
C GLY D 96 -26.13 9.48 17.88
N ALA D 97 -27.37 9.31 18.32
CA ALA D 97 -28.17 10.39 18.93
C ALA D 97 -29.41 9.75 19.56
N ALA D 98 -30.18 10.54 20.34
CA ALA D 98 -31.29 10.03 21.14
C ALA D 98 -32.23 9.16 20.30
N GLY D 99 -32.27 7.86 20.61
CA GLY D 99 -33.02 6.85 19.85
C GLY D 99 -32.54 6.66 18.40
N ARG D 100 -31.23 6.80 18.13
CA ARG D 100 -30.70 6.58 16.79
C ARG D 100 -29.30 5.97 16.88
N PRO D 101 -29.12 4.71 16.42
CA PRO D 101 -27.79 4.10 16.47
C PRO D 101 -26.78 4.87 15.61
N GLY D 102 -25.50 4.77 15.95
CA GLY D 102 -24.43 5.42 15.20
C GLY D 102 -23.16 4.57 15.03
N SER D 103 -23.26 3.22 15.05
CA SER D 103 -22.15 2.37 14.65
C SER D 103 -21.82 2.59 13.17
N GLU D 104 -20.56 2.35 12.79
CA GLU D 104 -20.18 2.47 11.38
C GLU D 104 -20.50 1.20 10.63
N HIS D 105 -20.03 0.05 11.14
CA HIS D 105 -20.39 -1.22 10.53
C HIS D 105 -21.82 -1.56 10.92
N THR D 106 -22.44 -2.37 10.08
CA THR D 106 -23.78 -2.89 10.31
C THR D 106 -23.67 -4.40 10.15
N VAL D 107 -24.66 -5.09 10.72
CA VAL D 107 -24.75 -6.54 10.54
C VAL D 107 -26.15 -6.84 10.04
N GLU D 108 -26.24 -7.37 8.82
CA GLU D 108 -27.52 -7.65 8.18
C GLU D 108 -28.42 -6.41 8.30
N GLY D 109 -27.84 -5.23 8.12
CA GLY D 109 -28.60 -3.98 8.10
C GLY D 109 -28.73 -3.36 9.49
N HIS D 110 -28.37 -4.07 10.57
CA HIS D 110 -28.60 -3.55 11.90
C HIS D 110 -27.48 -2.60 12.25
N ARG D 111 -27.81 -1.35 12.59
CA ARG D 111 -26.82 -0.43 13.12
C ARG D 111 -26.90 -0.45 14.63
N PHE D 112 -25.73 -0.53 15.29
CA PHE D 112 -25.68 -0.65 16.73
C PHE D 112 -25.51 0.74 17.32
N PRO D 113 -25.84 0.94 18.62
CA PRO D 113 -25.73 2.26 19.23
C PRO D 113 -24.41 2.98 18.95
N ALA D 114 -23.27 2.30 19.11
CA ALA D 114 -21.98 2.95 19.02
C ALA D 114 -20.90 1.95 18.61
N GLU D 115 -19.69 2.44 18.35
CA GLU D 115 -18.61 1.57 17.90
C GLU D 115 -17.27 2.14 18.38
N ILE D 116 -16.37 1.22 18.80
CA ILE D 116 -15.00 1.58 19.14
C ILE D 116 -14.05 1.11 18.06
N HIS D 117 -13.09 1.98 17.73
CA HIS D 117 -12.01 1.66 16.79
C HIS D 117 -10.67 1.80 17.49
N VAL D 118 -9.83 0.75 17.44
CA VAL D 118 -8.46 0.81 17.94
C VAL D 118 -7.54 0.69 16.75
N VAL D 119 -6.81 1.77 16.44
CA VAL D 119 -6.07 1.86 15.19
C VAL D 119 -4.61 1.48 15.48
N HIS D 120 -4.04 0.62 14.62
CA HIS D 120 -2.70 0.10 14.83
C HIS D 120 -1.84 0.29 13.58
N LEU D 121 -0.53 0.37 13.79
CA LEU D 121 0.46 0.47 12.73
C LEU D 121 1.25 -0.83 12.65
N SER D 122 1.48 -1.37 11.45
CA SER D 122 2.37 -2.51 11.27
C SER D 122 3.77 -2.20 11.79
N THR D 123 4.39 -3.20 12.44
CA THR D 123 5.74 -3.04 12.96
C THR D 123 6.75 -2.87 11.84
N ALA D 124 6.35 -3.14 10.58
CA ALA D 124 7.27 -2.96 9.45
C ALA D 124 7.46 -1.49 9.12
N PHE D 125 6.63 -0.63 9.70
CA PHE D 125 6.63 0.79 9.40
C PHE D 125 6.87 1.61 10.69
N ALA D 126 7.67 2.67 10.55
CA ALA D 126 7.94 3.59 11.65
C ALA D 126 6.87 4.68 11.73
N ARG D 127 6.28 5.10 10.61
CA ARG D 127 5.36 6.24 10.63
C ARG D 127 4.09 5.86 9.90
N VAL D 128 2.96 6.39 10.36
CA VAL D 128 1.66 6.21 9.71
C VAL D 128 1.71 6.54 8.21
N ASP D 129 2.34 7.65 7.82
CA ASP D 129 2.27 8.09 6.43
C ASP D 129 2.98 7.11 5.50
N GLU D 130 3.98 6.37 5.98
CA GLU D 130 4.57 5.30 5.20
C GLU D 130 3.63 4.11 5.01
N ALA D 131 2.67 3.91 5.91
CA ALA D 131 1.83 2.71 5.93
C ALA D 131 0.60 2.88 5.07
N LEU D 132 0.14 4.13 4.90
CA LEU D 132 -1.10 4.48 4.21
C LEU D 132 -1.10 3.87 2.81
N GLY D 133 -2.18 3.19 2.43
CA GLY D 133 -2.29 2.65 1.09
C GLY D 133 -1.44 1.40 0.85
N ARG D 134 -0.62 1.00 1.84
CA ARG D 134 0.23 -0.18 1.75
C ARG D 134 -0.53 -1.39 2.31
N PRO D 135 -0.36 -2.60 1.73
CA PRO D 135 -1.13 -3.78 2.19
C PRO D 135 -0.83 -4.12 3.64
N GLY D 136 -1.88 -4.08 4.46
CA GLY D 136 -1.74 -4.41 5.87
C GLY D 136 -0.89 -3.42 6.66
N GLY D 137 -0.66 -2.21 6.14
CA GLY D 137 0.11 -1.20 6.85
C GLY D 137 -0.56 -0.77 8.14
N LEU D 138 -1.88 -0.65 8.08
CA LEU D 138 -2.74 -0.33 9.22
C LEU D 138 -3.78 -1.42 9.41
N ALA D 139 -4.12 -1.62 10.68
CA ALA D 139 -5.11 -2.57 11.16
C ALA D 139 -5.95 -1.90 12.25
N VAL D 140 -7.28 -1.99 12.14
CA VAL D 140 -8.20 -1.47 13.14
C VAL D 140 -8.96 -2.66 13.73
N LEU D 141 -9.06 -2.70 15.08
CA LEU D 141 -10.00 -3.54 15.82
C LEU D 141 -11.28 -2.75 16.07
N ALA D 142 -12.41 -3.34 15.70
CA ALA D 142 -13.70 -2.70 15.82
C ALA D 142 -14.60 -3.60 16.67
N ALA D 143 -15.29 -2.98 17.63
CA ALA D 143 -16.31 -3.64 18.44
C ALA D 143 -17.51 -2.72 18.52
N PHE D 144 -18.71 -3.32 18.57
CA PHE D 144 -19.93 -2.55 18.76
C PHE D 144 -20.21 -2.33 20.25
N LEU D 145 -20.89 -1.21 20.53
CA LEU D 145 -21.34 -0.92 21.87
C LEU D 145 -22.86 -1.01 21.89
N GLU D 146 -23.37 -1.74 22.89
CA GLU D 146 -24.78 -1.94 23.12
C GLU D 146 -25.11 -1.59 24.57
N GLU D 147 -26.40 -1.42 24.84
CA GLU D 147 -26.83 -1.15 26.18
C GLU D 147 -26.75 -2.44 26.98
N GLY D 148 -26.15 -2.33 28.17
CA GLY D 148 -26.26 -3.36 29.18
C GLY D 148 -26.83 -2.80 30.48
N PRO D 149 -27.07 -3.69 31.48
CA PRO D 149 -27.61 -3.30 32.78
C PRO D 149 -26.65 -2.58 33.73
N GLU D 150 -25.36 -2.77 33.55
CA GLU D 150 -24.34 -2.32 34.49
C GLU D 150 -23.55 -1.18 33.86
N GLU D 151 -23.14 -0.23 34.70
CA GLU D 151 -22.14 0.75 34.34
C GLU D 151 -20.81 0.06 34.02
N ASN D 152 -20.29 0.34 32.80
CA ASN D 152 -19.00 -0.18 32.37
C ASN D 152 -17.90 0.73 32.94
N SER D 153 -17.11 0.21 33.88
CA SER D 153 -16.16 1.04 34.61
C SER D 153 -14.94 1.46 33.77
N ALA D 154 -14.47 0.61 32.84
CA ALA D 154 -13.44 1.05 31.92
C ALA D 154 -13.96 2.26 31.16
N TYR D 155 -15.16 2.15 30.58
CA TYR D 155 -15.67 3.24 29.77
C TYR D 155 -15.90 4.50 30.62
N GLU D 156 -16.28 4.32 31.88
CA GLU D 156 -16.61 5.41 32.78
C GLU D 156 -15.43 6.36 32.95
N GLN D 157 -14.22 5.82 32.88
CA GLN D 157 -13.00 6.61 33.00
C GLN D 157 -12.88 7.63 31.87
N LEU D 158 -13.36 7.26 30.67
CA LEU D 158 -13.34 8.16 29.55
C LEU D 158 -14.58 9.06 29.57
N LEU D 159 -15.76 8.48 29.82
CA LEU D 159 -17.02 9.17 29.62
C LEU D 159 -17.23 10.22 30.73
N SER D 160 -16.64 9.96 31.91
CA SER D 160 -16.77 10.87 33.04
C SER D 160 -15.95 12.14 32.82
N ARG D 161 -15.18 12.18 31.72
CA ARG D 161 -14.32 13.29 31.34
C ARG D 161 -14.80 14.03 30.09
N LEU D 162 -15.86 13.58 29.42
CA LEU D 162 -16.31 14.24 28.19
C LEU D 162 -16.73 15.68 28.49
N GLU D 163 -17.33 15.94 29.64
CA GLU D 163 -17.78 17.29 29.98
C GLU D 163 -16.62 18.29 29.89
N GLU D 164 -15.42 17.85 30.28
CA GLU D 164 -14.21 18.65 30.20
C GLU D 164 -13.81 18.98 28.77
N ILE D 165 -14.22 18.16 27.78
CA ILE D 165 -13.80 18.35 26.40
C ILE D 165 -15.00 18.55 25.49
N ALA D 166 -16.09 19.12 26.02
CA ALA D 166 -17.31 19.34 25.24
C ALA D 166 -17.01 20.19 24.01
N GLU D 167 -16.13 21.19 24.16
CA GLU D 167 -15.78 22.10 23.08
C GLU D 167 -14.94 21.38 22.02
N GLU D 168 -15.28 21.58 20.75
CA GLU D 168 -14.45 21.12 19.62
C GLU D 168 -13.00 21.59 19.80
N GLY D 169 -12.05 20.70 19.52
CA GLY D 169 -10.64 21.00 19.67
C GLY D 169 -10.10 20.93 21.10
N SER D 170 -10.93 20.60 22.11
CA SER D 170 -10.44 20.57 23.48
C SER D 170 -9.82 19.21 23.79
N GLU D 171 -8.91 19.19 24.77
CA GLU D 171 -8.35 17.94 25.25
C GLU D 171 -8.11 17.99 26.75
N THR D 172 -7.93 16.79 27.32
CA THR D 172 -7.74 16.58 28.74
C THR D 172 -6.77 15.43 28.92
N GLN D 173 -6.30 15.20 30.14
CA GLN D 173 -5.42 14.08 30.45
C GLN D 173 -6.21 13.07 31.30
N VAL D 174 -6.07 11.77 30.99
CA VAL D 174 -6.70 10.73 31.77
C VAL D 174 -5.65 9.72 32.20
N PRO D 175 -5.80 9.14 33.42
CA PRO D 175 -4.93 8.06 33.85
C PRO D 175 -4.98 6.88 32.90
N GLY D 176 -3.82 6.22 32.71
CA GLY D 176 -3.76 4.91 32.09
C GLY D 176 -4.74 3.94 32.74
N LEU D 177 -5.34 3.09 31.91
CA LEU D 177 -6.29 2.08 32.34
C LEU D 177 -5.99 0.83 31.55
N ASP D 178 -6.69 -0.26 31.88
CA ASP D 178 -6.70 -1.45 31.04
C ASP D 178 -7.48 -1.17 29.75
N ILE D 179 -6.76 -0.83 28.68
CA ILE D 179 -7.34 -0.52 27.39
C ILE D 179 -8.13 -1.71 26.84
N SER D 180 -7.62 -2.92 27.11
CA SER D 180 -8.26 -4.15 26.65
C SER D 180 -9.67 -4.32 27.24
N ALA D 181 -9.95 -3.67 28.38
CA ALA D 181 -11.26 -3.76 29.03
C ALA D 181 -12.32 -2.90 28.33
N LEU D 182 -11.92 -2.16 27.28
CA LEU D 182 -12.84 -1.37 26.46
C LEU D 182 -13.32 -2.23 25.29
N LEU D 183 -12.71 -3.41 25.16
CA LEU D 183 -12.97 -4.33 24.06
C LEU D 183 -13.68 -5.55 24.63
N PRO D 184 -14.37 -6.36 23.78
CA PRO D 184 -14.97 -7.62 24.19
C PRO D 184 -13.93 -8.59 24.76
N SER D 185 -14.38 -9.50 25.61
CA SER D 185 -13.45 -10.47 26.18
C SER D 185 -13.18 -11.64 25.22
N ASP D 186 -14.09 -11.91 24.28
CA ASP D 186 -13.93 -12.96 23.26
C ASP D 186 -13.10 -12.42 22.10
N PHE D 187 -11.81 -12.79 22.06
CA PHE D 187 -10.92 -12.41 20.95
C PHE D 187 -10.85 -13.50 19.87
N SER D 188 -11.68 -14.54 19.96
CA SER D 188 -11.52 -15.71 19.11
C SER D 188 -12.53 -15.70 17.96
N ARG D 189 -13.62 -14.92 18.12
CA ARG D 189 -14.72 -14.87 17.18
C ARG D 189 -14.90 -13.47 16.60
N TYR D 190 -14.58 -13.35 15.31
CA TYR D 190 -14.53 -12.05 14.64
C TYR D 190 -14.67 -12.21 13.14
N PHE D 191 -14.99 -11.10 12.49
CA PHE D 191 -15.01 -10.96 11.06
C PHE D 191 -13.74 -10.19 10.68
N GLN D 192 -13.24 -10.41 9.48
CA GLN D 192 -12.06 -9.72 9.02
C GLN D 192 -12.20 -9.43 7.53
N TYR D 193 -11.92 -8.20 7.15
CA TYR D 193 -11.87 -7.88 5.74
C TYR D 193 -10.84 -6.79 5.48
N GLU D 194 -10.58 -6.55 4.20
CA GLU D 194 -9.70 -5.48 3.75
C GLU D 194 -10.55 -4.31 3.24
N GLY D 195 -10.27 -3.13 3.79
CA GLY D 195 -11.02 -1.93 3.47
C GLY D 195 -10.16 -0.68 3.63
N SER D 196 -10.76 0.39 4.14
CA SER D 196 -10.15 1.71 4.07
C SER D 196 -10.25 2.42 5.42
N LEU D 197 -9.53 3.53 5.56
CA LEU D 197 -9.87 4.53 6.56
C LEU D 197 -11.22 5.13 6.19
N THR D 198 -11.99 5.54 7.22
CA THR D 198 -13.37 5.97 7.04
C THR D 198 -13.47 7.49 7.03
N THR D 199 -12.34 8.17 7.06
CA THR D 199 -12.31 9.61 6.95
C THR D 199 -11.11 9.97 6.08
N PRO D 200 -11.12 11.13 5.40
CA PRO D 200 -10.02 11.52 4.53
C PRO D 200 -8.71 11.31 5.28
N PRO D 201 -7.67 10.67 4.69
CA PRO D 201 -7.64 10.31 3.25
C PRO D 201 -8.29 9.03 2.74
N CYS D 202 -9.03 8.27 3.55
CA CYS D 202 -9.70 7.04 3.14
C CYS D 202 -8.74 6.07 2.44
N ALA D 203 -7.49 6.02 2.89
CA ALA D 203 -6.46 5.19 2.28
C ALA D 203 -6.87 3.72 2.42
N GLN D 204 -6.68 2.96 1.34
CA GLN D 204 -7.07 1.55 1.33
C GLN D 204 -5.91 0.72 1.89
N GLY D 205 -6.10 -0.61 1.95
CA GLY D 205 -5.09 -1.53 2.44
C GLY D 205 -5.19 -1.74 3.94
N VAL D 206 -6.30 -1.31 4.55
CA VAL D 206 -6.49 -1.40 5.99
C VAL D 206 -7.19 -2.71 6.33
N ILE D 207 -6.65 -3.43 7.31
CA ILE D 207 -7.23 -4.67 7.76
C ILE D 207 -8.12 -4.40 8.97
N TRP D 208 -9.42 -4.61 8.74
CA TRP D 208 -10.47 -4.50 9.74
C TRP D 208 -10.82 -5.86 10.31
N THR D 209 -10.82 -5.87 11.65
CA THR D 209 -11.25 -6.98 12.50
C THR D 209 -12.42 -6.45 13.31
N VAL D 210 -13.58 -7.05 13.07
CA VAL D 210 -14.80 -6.73 13.76
C VAL D 210 -15.19 -7.95 14.62
N PHE D 211 -15.21 -7.74 15.94
CA PHE D 211 -15.62 -8.75 16.91
C PHE D 211 -17.10 -9.09 16.80
N GLN D 212 -17.41 -10.39 17.00
CA GLN D 212 -18.79 -10.85 17.06
C GLN D 212 -19.41 -10.40 18.38
N GLN D 213 -18.66 -10.58 19.46
CA GLN D 213 -19.12 -10.16 20.78
C GLN D 213 -19.11 -8.63 20.87
N THR D 214 -20.12 -8.06 21.54
CA THR D 214 -20.22 -6.64 21.73
C THR D 214 -19.85 -6.28 23.18
N VAL D 215 -19.67 -4.98 23.34
CA VAL D 215 -19.34 -4.34 24.61
C VAL D 215 -20.58 -3.58 25.08
N MET D 216 -20.78 -3.57 26.40
CA MET D 216 -22.03 -3.13 27.01
C MET D 216 -21.77 -1.89 27.88
N LEU D 217 -22.55 -0.84 27.65
CA LEU D 217 -22.57 0.38 28.45
C LEU D 217 -23.97 0.53 29.05
N SER D 218 -24.09 1.29 30.15
CA SER D 218 -25.39 1.65 30.67
C SER D 218 -26.05 2.64 29.71
N ALA D 219 -27.38 2.73 29.80
CA ALA D 219 -28.14 3.74 29.08
C ALA D 219 -27.57 5.12 29.38
N LYS D 220 -27.20 5.34 30.64
CA LYS D 220 -26.74 6.66 31.04
C LYS D 220 -25.43 6.93 30.30
N GLN D 221 -24.52 5.93 30.27
CA GLN D 221 -23.24 6.06 29.58
C GLN D 221 -23.45 6.37 28.09
N LEU D 222 -24.34 5.62 27.46
CA LEU D 222 -24.63 5.84 26.05
C LEU D 222 -25.13 7.26 25.84
N HIS D 223 -26.03 7.75 26.72
CA HIS D 223 -26.53 9.12 26.62
C HIS D 223 -25.40 10.12 26.83
N THR D 224 -24.47 9.86 27.76
CA THR D 224 -23.35 10.76 27.97
C THR D 224 -22.55 10.87 26.66
N LEU D 225 -22.29 9.74 26.01
CA LEU D 225 -21.45 9.75 24.82
C LEU D 225 -22.08 10.60 23.72
N SER D 226 -23.41 10.47 23.54
CA SER D 226 -24.11 11.08 22.40
C SER D 226 -24.51 12.52 22.68
N ASP D 227 -24.45 12.96 23.95
CA ASP D 227 -25.15 14.16 24.39
C ASP D 227 -24.17 15.24 24.87
N THR D 228 -22.87 14.96 24.97
CA THR D 228 -21.98 15.85 25.69
C THR D 228 -21.09 16.69 24.74
N LEU D 229 -20.59 16.11 23.65
CA LEU D 229 -19.61 16.83 22.85
C LEU D 229 -20.31 17.64 21.76
N TRP D 230 -19.62 18.72 21.34
CA TRP D 230 -19.99 19.61 20.25
C TRP D 230 -18.93 19.52 19.15
N GLY D 231 -19.34 19.80 17.91
CA GLY D 231 -18.47 19.62 16.77
C GLY D 231 -18.35 20.92 15.98
N PRO D 232 -18.21 20.83 14.63
CA PRO D 232 -18.13 22.02 13.77
C PRO D 232 -19.46 22.79 13.80
N GLY D 233 -19.36 24.10 13.52
CA GLY D 233 -20.47 25.02 13.74
C GLY D 233 -20.73 25.22 15.24
N ASP D 234 -21.99 25.53 15.58
CA ASP D 234 -22.46 25.55 16.96
C ASP D 234 -23.44 24.39 17.11
N SER D 235 -22.98 23.17 16.77
CA SER D 235 -23.81 21.97 16.66
C SER D 235 -23.19 20.78 17.39
N ARG D 236 -24.05 19.85 17.81
CA ARG D 236 -23.69 18.70 18.62
C ARG D 236 -22.89 17.69 17.80
N LEU D 237 -21.89 17.04 18.44
CA LEU D 237 -21.18 15.94 17.83
C LEU D 237 -21.98 14.66 18.11
N GLN D 238 -22.64 14.20 17.04
CA GLN D 238 -23.59 13.11 17.03
C GLN D 238 -23.58 12.53 15.62
N LEU D 239 -24.00 11.27 15.48
CA LEU D 239 -24.12 10.62 14.18
C LEU D 239 -22.80 10.75 13.40
N ASN D 240 -21.66 10.62 14.09
CA ASN D 240 -20.36 10.68 13.46
C ASN D 240 -19.96 9.32 12.89
N PHE D 241 -20.73 8.85 11.89
CA PHE D 241 -20.47 7.60 11.18
C PHE D 241 -20.62 7.79 9.68
N ARG D 242 -19.72 7.16 8.92
CA ARG D 242 -19.82 7.16 7.47
C ARG D 242 -20.84 6.12 7.02
N ALA D 243 -21.48 6.42 5.89
CA ALA D 243 -22.43 5.51 5.30
C ALA D 243 -21.70 4.21 4.92
N THR D 244 -22.44 3.12 5.06
CA THR D 244 -22.07 1.79 4.62
C THR D 244 -21.64 1.81 3.16
N GLN D 245 -20.46 1.23 2.89
CA GLN D 245 -19.84 1.19 1.58
C GLN D 245 -20.05 -0.20 1.00
N PRO D 246 -20.20 -0.33 -0.35
CA PRO D 246 -20.39 -1.65 -0.96
C PRO D 246 -19.11 -2.50 -0.89
N LEU D 247 -19.30 -3.83 -0.73
CA LEU D 247 -18.17 -4.75 -0.66
C LEU D 247 -17.46 -4.82 -1.99
N ASN D 248 -18.23 -4.74 -3.08
CA ASN D 248 -17.67 -4.65 -4.43
C ASN D 248 -16.83 -5.88 -4.77
N GLY D 249 -17.27 -7.06 -4.30
CA GLY D 249 -16.62 -8.31 -4.66
C GLY D 249 -15.73 -8.89 -3.56
N ARG D 250 -15.40 -8.07 -2.55
CA ARG D 250 -14.66 -8.54 -1.40
C ARG D 250 -15.50 -9.57 -0.66
N VAL D 251 -14.81 -10.59 -0.14
CA VAL D 251 -15.40 -11.58 0.76
C VAL D 251 -14.88 -11.30 2.19
N ILE D 252 -15.81 -11.02 3.11
CA ILE D 252 -15.49 -10.90 4.52
C ILE D 252 -15.18 -12.30 5.04
N GLU D 253 -14.13 -12.45 5.83
CA GLU D 253 -13.87 -13.76 6.41
C GLU D 253 -14.34 -13.78 7.85
N ALA D 254 -14.60 -15.00 8.38
CA ALA D 254 -15.03 -15.17 9.75
C ALA D 254 -14.13 -16.21 10.38
N SER D 255 -13.83 -16.04 11.67
CA SER D 255 -12.97 -16.99 12.38
C SER D 255 -13.73 -18.23 12.86
N PHE D 256 -15.03 -18.35 12.51
CA PHE D 256 -15.91 -19.40 13.03
C PHE D 256 -16.95 -19.77 11.98
N PRO D 257 -17.36 -21.05 11.87
CA PRO D 257 -18.33 -21.47 10.86
C PRO D 257 -19.76 -20.98 11.14
ZN ZN E . 21.26 16.28 11.31
C7 IO6 F . 17.27 16.86 11.53
C8 IO6 F . 16.82 17.66 10.43
O14 IO6 F . 13.01 15.10 13.29
S13 IO6 F . 13.60 14.81 12.01
O15 IO6 F . 13.62 13.36 11.94
C11 IO6 F . 14.93 15.76 11.59
C10 IO6 F . 14.58 16.64 10.45
C9 IO6 F . 15.51 17.54 9.90
C12 IO6 F . 16.28 15.94 12.09
S1 IO6 F . 18.87 17.13 12.03
O6 IO6 F . 19.37 16.31 13.13
N7 IO6 F . 19.76 17.50 10.69
O5 IO6 F . 18.53 18.33 12.78
N16 IO6 F . 12.54 15.34 10.88
C17 IO6 F . 13.15 16.30 10.10
O18 IO6 F . 12.58 16.91 9.13
C19 IO6 F . 11.17 14.76 10.84
C20 IO6 F . 10.06 15.82 10.57
C21 IO6 F . 8.67 15.27 10.18
C29 IO6 F . 7.70 16.36 9.70
C30 IO6 F . 6.23 16.07 10.02
C1 GOL G . 18.27 14.86 6.63
O1 GOL G . 19.42 15.57 7.09
C2 GOL G . 17.73 13.89 7.67
O2 GOL G . 18.38 12.61 7.56
C3 GOL G . 16.23 13.70 7.61
O3 GOL G . 16.66 14.19 9.94
ZN ZN H . 13.44 -18.54 -5.94
C7 IO6 I . 14.06 -14.98 -4.31
C8 IO6 I . 15.27 -14.92 -3.59
O14 IO6 I . 14.09 -10.65 -6.81
S13 IO6 I . 14.11 -10.98 -5.40
O15 IO6 I . 12.99 -10.36 -4.71
C11 IO6 I . 14.38 -12.52 -4.84
C10 IO6 I . 15.64 -12.55 -4.05
C9 IO6 I . 16.04 -13.74 -3.47
C12 IO6 I . 13.62 -13.74 -4.90
S1 IO6 I . 13.18 -16.41 -4.36
O6 IO6 I . 11.93 -16.23 -5.09
N7 IO6 I . 14.05 -17.80 -4.14
O5 IO6 I . 12.60 -16.20 -3.05
N16 IO6 I . 15.44 -10.22 -4.82
C17 IO6 I . 16.19 -11.12 -4.12
O18 IO6 I . 17.28 -10.78 -3.55
C19 IO6 I . 15.59 -8.77 -5.16
C20 IO6 I . 16.12 -7.87 -4.02
C21 IO6 I . 16.68 -6.54 -4.55
C29 IO6 I . 17.35 -5.64 -3.47
C30 IO6 I . 17.04 -4.15 -3.62
C1 GOL J . 17.01 -14.54 -7.11
O1 GOL J . 15.97 -13.75 -7.69
C2 GOL J . 17.18 -15.86 -7.83
O2 GOL J . 18.01 -15.70 -8.99
C3 GOL J . 17.69 -16.96 -6.92
O3 GOL J . 19.11 -16.99 -6.83
ZN ZN K . -20.67 5.15 -25.77
C7 IO6 L . -18.40 4.50 -28.87
C8 IO6 L . -18.87 5.29 -29.93
O14 IO6 L . -13.47 5.34 -29.04
S13 IO6 L . -14.41 4.72 -29.96
O15 IO6 L . -13.91 3.39 -30.28
C11 IO6 L . -16.06 4.82 -29.76
C10 IO6 L . -16.69 5.64 -30.84
C9 IO6 L . -18.05 5.85 -30.90
C12 IO6 L . -16.99 4.25 -28.80
S1 IO6 L . -19.50 3.87 -27.80
O6 IO6 L . -18.84 3.16 -26.71
N7 IO6 L . -20.97 4.55 -27.70
O5 IO6 L . -19.80 2.74 -28.67
N16 IO6 L . -14.31 5.64 -31.32
C17 IO6 L . -15.55 6.09 -31.70
O18 IO6 L . -15.80 6.84 -32.73
C19 IO6 L . -12.95 5.84 -31.85
C20 IO6 L . -12.74 5.09 -33.18
C21 IO6 L . -11.87 5.91 -34.14
C29 IO6 L . -10.46 6.23 -33.57
C30 IO6 L . -9.32 5.95 -34.54
C1 GOL M . -19.55 10.13 -28.19
O1 GOL M . -20.85 9.98 -27.61
C2 GOL M . -18.45 9.44 -27.41
O2 GOL M . -17.58 10.39 -26.82
C3 GOL M . -17.64 8.47 -28.26
O3 GOL M . -16.31 8.31 -27.76
ZN ZN N . -13.17 5.17 13.22
C7 IO6 O . -9.85 6.15 11.12
C8 IO6 O . -10.15 7.17 10.15
O14 IO6 O . -5.26 7.35 12.85
S13 IO6 O . -5.80 7.16 11.50
O15 IO6 O . -4.99 6.14 10.91
C11 IO6 O . -7.43 7.01 11.15
C10 IO6 O . -7.87 8.05 10.14
C9 IO6 O . -9.19 8.10 9.66
C12 IO6 O . -8.47 6.09 11.58
S1 IO6 O . -11.07 5.10 11.57
O6 IO6 O . -10.78 4.10 12.59
N7 IO6 O . -12.55 5.81 11.40
O5 IO6 O . -10.85 4.29 10.38
N16 IO6 O . -5.50 8.49 10.55
C17 IO6 O . -6.64 8.86 9.86
O18 IO6 O . -6.70 9.84 9.01
C19 IO6 O . -4.07 8.97 10.58
C20 IO6 O . -3.74 10.31 9.88
C21 IO6 O . -2.77 10.24 8.68
C29 IO6 O . -1.41 10.89 8.99
C30 IO6 O . -0.43 10.74 7.86
C1 GOL P . -8.02 9.99 13.55
O1 GOL P . -7.80 11.40 13.55
C2 GOL P . -9.49 9.60 13.54
O2 GOL P . -9.60 8.18 13.35
C3 GOL P . -10.27 9.99 14.79
O3 GOL P . -11.64 10.26 14.51
#